data_1A47
#
_entry.id   1A47
#
_cell.length_a   73.996
_cell.length_b   97.789
_cell.length_c   116.263
_cell.angle_alpha   90.00
_cell.angle_beta   90.00
_cell.angle_gamma   90.00
#
_symmetry.space_group_name_H-M   'P 21 21 21'
#
loop_
_entity.id
_entity.type
_entity.pdbx_description
1 polymer 'CYCLODEXTRIN GLYCOSYLTRANSFERASE'
2 branched alpha-D-glucopyranose-(1-4)-alpha-D-glucopyranose-(1-4)-alpha-D-glucopyranose
3 branched alpha-D-quinovopyranose-(1-4)-alpha-D-glucopyranose-(1-4)-alpha-D-glucopyranose
4 branched alpha-D-glucopyranose-(1-4)-alpha-D-glucopyranose
5 non-polymer '1-AMINO-2,3-DIHYDROXY-5-HYDROXYMETHYL CYCLOHEX-5-ENE'
6 non-polymer 'CALCIUM ION'
7 water water
#
_entity_poly.entity_id   1
_entity_poly.type   'polypeptide(L)'
_entity_poly.pdbx_seq_one_letter_code
;ASDTAVSNVVNYSTDVIYQIVTDRFVDGNTSNNPTGDLYDPTHTSLKKYFGGDWQGIINKINDGYLTGMGVTAIWISQPV
ENIYAVLPDSTFGGSTSYHGYWARDFKRTNPYFGSFTDFQNLINTAHAHNIKVIIDFAPNHTSPASETDPTYAENGRLYD
NGTLLGGYTNDTNGYFHHYGGTDFSSYEDGIYRNLFDLADLNQQNSTIDSYLKSAIKVWLDMGIDGIRLDAVKHMPFGWQ
KNFMDSILSYRPVFTFGEWFLGTNEIDVNNTYFANESGMSLLDFRFSQKVRQVFRDNTDTMYGLDSMIQSTASDYNFIND
MVTFIDNHDMDRFYNGGSTRPVEQALAFTLTSRGVPAIYYGTEQYMTGNGDPYNRAMMTSFNTSTTAYNVIKKLAPLRKS
NPAIAYGTTQQRWINNDVYIYERKFGNNVALVAINRNLSTSYNITGLYTALPAGTYTDVLGGLLNGNSISVASDGSVTPF
TLSAGEVAVWQYVSSSNSPLIGHVGPTMTKAGQTITIDGRGFGTTSGQVLFGSTAGTIVSWDDTEVKVKVPSVTPGKYNI
SLKTSSGATSNTYNNINILTGNQICVRFVVNNASTVYGENVYLTGNVAELGNWDTSKAIGPMFNQVVYQYPTWYYDVSVP
AGTTIQFKFIKKNGNTITWEGGSNHTYTVPSSSTGTVIVNWQQ
;
_entity_poly.pdbx_strand_id   A
#
loop_
_chem_comp.id
_chem_comp.type
_chem_comp.name
_chem_comp.formula
ADH non-polymer '1-AMINO-2,3-DIHYDROXY-5-HYDROXYMETHYL CYCLOHEX-5-ENE' 'C7 H13 N O3'
CA non-polymer 'CALCIUM ION' 'Ca 2'
G6D D-saccharide, alpha linking alpha-D-quinovopyranose 'C6 H12 O5'
GLC D-saccharide, alpha linking alpha-D-glucopyranose 'C6 H12 O6'
#
# COMPACT_ATOMS: atom_id res chain seq x y z
N ALA A 1 19.11 17.02 0.67
CA ALA A 1 17.98 16.49 1.41
C ALA A 1 18.20 15.06 1.86
N SER A 2 17.54 14.68 2.94
CA SER A 2 17.66 13.34 3.48
C SER A 2 16.41 12.49 3.23
N ASP A 3 16.60 11.17 3.28
CA ASP A 3 15.53 10.23 3.07
C ASP A 3 14.38 10.44 4.05
N THR A 4 14.72 10.95 5.22
CA THR A 4 13.74 11.21 6.27
C THR A 4 12.96 12.48 6.00
N ALA A 5 13.39 13.22 4.99
CA ALA A 5 12.75 14.47 4.62
C ALA A 5 11.26 14.33 4.35
N VAL A 6 10.50 15.31 4.83
CA VAL A 6 9.06 15.32 4.61
C VAL A 6 8.80 15.54 3.13
N SER A 7 9.86 15.98 2.45
CA SER A 7 9.84 16.23 1.04
C SER A 7 10.14 14.96 0.25
N ASN A 8 10.45 13.90 0.99
CA ASN A 8 10.73 12.60 0.39
C ASN A 8 9.45 11.79 0.35
N VAL A 9 8.63 12.10 -0.64
CA VAL A 9 7.33 11.52 -0.87
C VAL A 9 7.37 10.12 -1.52
N VAL A 10 8.55 9.72 -1.95
CA VAL A 10 8.73 8.45 -2.62
C VAL A 10 9.20 7.30 -1.71
N ASN A 11 9.53 7.66 -0.48
CA ASN A 11 10.02 6.72 0.52
C ASN A 11 9.25 6.87 1.83
N TYR A 12 8.82 5.75 2.42
CA TYR A 12 8.07 5.78 3.66
C TYR A 12 8.61 4.83 4.73
N SER A 13 9.71 4.15 4.41
CA SER A 13 10.33 3.20 5.31
C SER A 13 10.64 3.74 6.71
N THR A 14 10.95 5.02 6.78
CA THR A 14 11.29 5.66 8.04
C THR A 14 10.09 6.34 8.70
N ASP A 15 8.93 6.25 8.06
CA ASP A 15 7.74 6.91 8.57
C ASP A 15 6.81 6.00 9.35
N VAL A 16 5.80 6.63 9.92
CA VAL A 16 4.74 6.00 10.67
C VAL A 16 3.44 6.69 10.33
N ILE A 17 2.56 5.94 9.68
CA ILE A 17 1.28 6.46 9.24
C ILE A 17 0.22 6.32 10.32
N TYR A 18 -0.61 7.35 10.43
CA TYR A 18 -1.71 7.36 11.37
C TYR A 18 -3.02 7.43 10.61
N GLN A 19 -3.69 6.28 10.47
CA GLN A 19 -4.93 6.20 9.73
C GLN A 19 -6.11 6.86 10.42
N ILE A 20 -6.64 7.87 9.75
CA ILE A 20 -7.77 8.62 10.27
C ILE A 20 -9.02 8.45 9.44
N VAL A 21 -10.13 8.25 10.11
CA VAL A 21 -11.42 8.19 9.46
C VAL A 21 -12.07 9.54 9.70
N THR A 22 -11.70 10.49 8.84
CA THR A 22 -12.10 11.90 8.88
C THR A 22 -13.34 12.26 9.71
N ASP A 23 -14.46 11.64 9.37
CA ASP A 23 -15.73 11.91 10.04
C ASP A 23 -15.78 11.57 11.52
N ARG A 24 -15.01 10.56 11.92
CA ARG A 24 -15.00 10.08 13.29
C ARG A 24 -13.82 10.55 14.13
N PHE A 25 -13.10 11.58 13.65
CA PHE A 25 -11.95 12.07 14.39
C PHE A 25 -12.26 13.29 15.25
N VAL A 26 -12.34 14.45 14.59
CA VAL A 26 -12.59 15.70 15.29
C VAL A 26 -13.39 16.70 14.46
N ASP A 27 -14.51 17.15 15.04
CA ASP A 27 -15.35 18.14 14.40
C ASP A 27 -14.79 19.53 14.70
N GLY A 28 -13.83 19.95 13.87
CA GLY A 28 -13.16 21.22 14.03
C GLY A 28 -14.00 22.41 13.57
N ASN A 29 -15.09 22.13 12.88
CA ASN A 29 -15.98 23.16 12.38
C ASN A 29 -17.39 22.64 12.24
N THR A 30 -18.28 23.18 13.07
CA THR A 30 -19.67 22.75 13.07
C THR A 30 -20.47 23.37 11.93
N SER A 31 -20.01 24.52 11.45
CA SER A 31 -20.70 25.21 10.37
C SER A 31 -20.77 24.39 9.09
N ASN A 32 -19.84 23.45 8.92
CA ASN A 32 -19.80 22.63 7.74
C ASN A 32 -20.52 21.30 7.89
N ASN A 33 -21.07 21.06 9.08
CA ASN A 33 -21.79 19.84 9.38
C ASN A 33 -23.03 19.69 8.52
N PRO A 34 -23.42 18.45 8.27
CA PRO A 34 -24.60 18.15 7.49
C PRO A 34 -25.87 18.43 8.27
N THR A 35 -26.98 18.51 7.55
CA THR A 35 -28.28 18.78 8.15
C THR A 35 -29.27 17.66 7.86
N GLY A 36 -30.28 17.54 8.72
CA GLY A 36 -31.31 16.54 8.56
C GLY A 36 -30.81 15.13 8.84
N ASP A 37 -31.35 14.18 8.08
CA ASP A 37 -31.02 12.77 8.22
C ASP A 37 -29.53 12.50 8.19
N LEU A 38 -28.83 13.22 7.32
CA LEU A 38 -27.41 13.08 7.15
C LEU A 38 -26.60 13.16 8.44
N TYR A 39 -26.93 14.15 9.26
CA TYR A 39 -26.22 14.42 10.50
C TYR A 39 -26.79 13.73 11.73
N ASP A 40 -25.91 13.52 12.72
CA ASP A 40 -26.25 12.93 14.00
C ASP A 40 -25.39 13.49 15.11
N PRO A 41 -25.85 14.59 15.68
CA PRO A 41 -25.16 15.30 16.73
C PRO A 41 -24.81 14.42 17.92
N THR A 42 -25.68 13.43 18.19
CA THR A 42 -25.49 12.55 19.33
C THR A 42 -24.34 11.57 19.16
N HIS A 43 -24.08 11.16 17.94
CA HIS A 43 -23.01 10.22 17.67
C HIS A 43 -23.37 8.80 18.06
N THR A 44 -24.66 8.48 17.98
CA THR A 44 -25.14 7.15 18.31
C THR A 44 -25.46 6.32 17.08
N SER A 45 -25.92 7.00 16.03
CA SER A 45 -26.24 6.35 14.76
C SER A 45 -24.95 6.18 13.96
N LEU A 46 -24.34 5.01 14.14
CA LEU A 46 -23.06 4.65 13.55
C LEU A 46 -22.89 4.77 12.04
N LYS A 47 -24.00 4.89 11.31
CA LYS A 47 -23.89 5.00 9.86
C LYS A 47 -24.20 6.39 9.32
N LYS A 48 -24.20 7.37 10.21
CA LYS A 48 -24.47 8.74 9.84
C LYS A 48 -23.28 9.64 10.04
N TYR A 49 -23.35 10.85 9.47
CA TYR A 49 -22.30 11.82 9.60
C TYR A 49 -22.19 12.30 11.04
N PHE A 50 -20.96 12.33 11.56
CA PHE A 50 -20.74 12.79 12.92
C PHE A 50 -20.22 14.22 12.98
N GLY A 51 -19.60 14.68 11.89
CA GLY A 51 -19.09 16.05 11.83
C GLY A 51 -17.57 16.16 11.71
N GLY A 52 -16.88 15.03 11.70
CA GLY A 52 -15.42 15.05 11.58
C GLY A 52 -14.98 15.77 10.32
N ASP A 53 -14.01 16.67 10.45
CA ASP A 53 -13.54 17.43 9.30
C ASP A 53 -12.04 17.69 9.31
N TRP A 54 -11.56 18.21 8.18
CA TRP A 54 -10.14 18.51 7.99
C TRP A 54 -9.64 19.51 9.01
N GLN A 55 -10.51 20.41 9.43
CA GLN A 55 -10.15 21.40 10.41
C GLN A 55 -9.84 20.75 11.75
N GLY A 56 -10.55 19.67 12.03
CA GLY A 56 -10.38 18.92 13.26
C GLY A 56 -9.00 18.27 13.30
N ILE A 57 -8.54 17.83 12.13
CA ILE A 57 -7.23 17.22 12.01
C ILE A 57 -6.15 18.26 12.23
N ILE A 58 -6.37 19.42 11.60
CA ILE A 58 -5.47 20.55 11.70
C ILE A 58 -5.25 20.92 13.15
N ASN A 59 -6.32 20.81 13.93
CA ASN A 59 -6.26 21.14 15.34
C ASN A 59 -5.39 20.16 16.11
N LYS A 60 -5.54 18.87 15.79
CA LYS A 60 -4.77 17.82 16.42
C LYS A 60 -3.30 17.91 16.08
N ILE A 61 -3.01 18.60 14.98
CA ILE A 61 -1.64 18.79 14.53
C ILE A 61 -1.01 19.94 15.30
N ASN A 62 -1.72 21.06 15.29
CA ASN A 62 -1.30 22.27 15.95
C ASN A 62 -1.22 22.14 17.47
N ASP A 63 -2.04 21.25 18.03
CA ASP A 63 -2.06 21.07 19.48
C ASP A 63 -0.99 20.11 20.01
N GLY A 64 -0.33 19.40 19.12
CA GLY A 64 0.74 18.49 19.50
C GLY A 64 0.35 17.04 19.77
N TYR A 65 -0.93 16.72 19.61
CA TYR A 65 -1.37 15.35 19.85
C TYR A 65 -0.64 14.33 19.00
N LEU A 66 -0.82 14.45 17.68
CA LEU A 66 -0.20 13.55 16.74
C LEU A 66 1.32 13.61 16.76
N THR A 67 1.85 14.83 16.63
CA THR A 67 3.28 15.05 16.64
C THR A 67 3.96 14.43 17.86
N GLY A 68 3.36 14.67 19.02
CA GLY A 68 3.90 14.16 20.27
C GLY A 68 3.97 12.63 20.29
N MET A 69 3.16 12.01 19.44
CA MET A 69 3.08 10.56 19.36
C MET A 69 4.21 9.98 18.52
N GLY A 70 4.75 10.81 17.62
CA GLY A 70 5.84 10.39 16.74
C GLY A 70 5.35 10.04 15.34
N VAL A 71 4.10 10.40 15.05
CA VAL A 71 3.50 10.16 13.75
C VAL A 71 4.07 11.09 12.70
N THR A 72 4.53 10.52 11.59
CA THR A 72 5.13 11.30 10.52
C THR A 72 4.26 11.43 9.29
N ALA A 73 3.14 10.72 9.28
CA ALA A 73 2.24 10.76 8.16
C ALA A 73 0.81 10.40 8.56
N ILE A 74 -0.14 11.00 7.85
CA ILE A 74 -1.54 10.76 8.11
C ILE A 74 -2.26 10.33 6.85
N TRP A 75 -3.10 9.32 7.01
CA TRP A 75 -3.90 8.78 5.92
C TRP A 75 -5.38 9.03 6.16
N ILE A 76 -5.91 10.03 5.45
CA ILE A 76 -7.30 10.45 5.57
C ILE A 76 -8.22 9.76 4.57
N SER A 77 -9.53 9.84 4.85
CA SER A 77 -10.55 9.26 3.98
C SER A 77 -10.60 9.99 2.65
N GLN A 78 -11.23 9.35 1.66
CA GLN A 78 -11.37 9.94 0.34
C GLN A 78 -11.94 11.34 0.44
N PRO A 79 -11.20 12.30 -0.10
CA PRO A 79 -11.55 13.70 -0.02
C PRO A 79 -12.59 14.14 -1.05
N VAL A 80 -12.86 13.28 -2.04
CA VAL A 80 -13.79 13.63 -3.11
C VAL A 80 -15.26 13.62 -2.69
N GLU A 81 -16.05 14.39 -3.45
CA GLU A 81 -17.48 14.54 -3.23
C GLU A 81 -18.21 13.20 -3.24
N ASN A 82 -19.02 13.00 -2.21
CA ASN A 82 -19.81 11.79 -2.05
C ASN A 82 -21.29 12.03 -2.23
N ILE A 83 -22.04 10.95 -2.46
CA ILE A 83 -23.47 11.05 -2.61
C ILE A 83 -24.09 11.67 -1.36
N TYR A 84 -25.24 12.30 -1.53
CA TYR A 84 -25.92 12.98 -0.43
C TYR A 84 -27.13 12.25 0.11
N ALA A 85 -27.47 11.12 -0.51
CA ALA A 85 -28.63 10.36 -0.10
C ALA A 85 -28.41 9.51 1.13
N VAL A 86 -29.47 9.38 1.94
CA VAL A 86 -29.44 8.57 3.13
C VAL A 86 -30.07 7.21 2.85
N LEU A 87 -29.21 6.23 2.56
CA LEU A 87 -29.66 4.88 2.27
C LEU A 87 -30.37 4.25 3.45
N PRO A 88 -31.28 3.33 3.14
CA PRO A 88 -32.05 2.67 4.16
C PRO A 88 -31.25 1.60 4.89
N ASP A 89 -31.43 1.55 6.20
CA ASP A 89 -30.75 0.57 7.03
C ASP A 89 -31.68 0.05 8.11
N SER A 90 -31.72 -1.26 8.24
CA SER A 90 -32.57 -1.90 9.22
C SER A 90 -32.02 -1.82 10.63
N THR A 91 -30.71 -1.99 10.75
CA THR A 91 -30.03 -1.96 12.02
C THR A 91 -29.80 -0.56 12.56
N PHE A 92 -29.22 0.30 11.72
CA PHE A 92 -28.91 1.66 12.12
C PHE A 92 -29.93 2.68 11.65
N GLY A 93 -30.85 2.24 10.81
CA GLY A 93 -31.88 3.12 10.29
C GLY A 93 -31.30 4.34 9.59
N GLY A 94 -30.45 4.09 8.61
CA GLY A 94 -29.82 5.15 7.86
C GLY A 94 -28.38 4.81 7.54
N SER A 95 -28.03 4.96 6.26
CA SER A 95 -26.70 4.68 5.78
C SER A 95 -26.23 5.82 4.88
N THR A 96 -25.16 6.49 5.28
CA THR A 96 -24.63 7.62 4.54
C THR A 96 -23.22 7.40 4.01
N SER A 97 -22.73 8.43 3.32
CA SER A 97 -21.40 8.44 2.71
C SER A 97 -20.32 8.95 3.67
N TYR A 98 -20.59 8.84 4.96
CA TYR A 98 -19.67 9.32 5.98
C TYR A 98 -18.24 8.82 5.79
N HIS A 99 -18.13 7.61 5.24
CA HIS A 99 -16.84 6.96 5.01
C HIS A 99 -16.10 7.51 3.79
N GLY A 100 -16.84 8.15 2.89
CA GLY A 100 -16.26 8.75 1.70
C GLY A 100 -15.91 7.76 0.59
N TYR A 101 -16.49 6.56 0.67
CA TYR A 101 -16.23 5.54 -0.34
C TYR A 101 -17.23 5.54 -1.49
N TRP A 102 -18.26 6.37 -1.37
CA TRP A 102 -19.28 6.50 -2.41
C TRP A 102 -19.09 7.76 -3.21
N ALA A 103 -18.11 7.75 -4.12
CA ALA A 103 -17.79 8.90 -4.94
C ALA A 103 -18.94 9.38 -5.81
N ARG A 104 -18.94 10.69 -6.03
CA ARG A 104 -19.94 11.38 -6.81
C ARG A 104 -19.25 12.30 -7.81
N ASP A 105 -18.11 12.83 -7.38
CA ASP A 105 -17.31 13.73 -8.19
C ASP A 105 -15.86 13.70 -7.70
N PHE A 106 -15.01 13.00 -8.45
CA PHE A 106 -13.60 12.84 -8.12
C PHE A 106 -12.80 14.12 -8.29
N LYS A 107 -13.46 15.16 -8.78
CA LYS A 107 -12.81 16.43 -9.03
C LYS A 107 -13.17 17.49 -8.01
N ARG A 108 -14.01 17.13 -7.04
CA ARG A 108 -14.43 18.06 -6.01
C ARG A 108 -14.29 17.48 -4.62
N THR A 109 -14.30 18.36 -3.64
CA THR A 109 -14.18 17.96 -2.26
C THR A 109 -15.51 17.64 -1.62
N ASN A 110 -15.44 16.97 -0.47
CA ASN A 110 -16.61 16.66 0.30
C ASN A 110 -16.95 17.89 1.13
N PRO A 111 -18.07 18.51 0.81
CA PRO A 111 -18.49 19.72 1.48
C PRO A 111 -18.48 19.62 3.00
N TYR A 112 -18.71 18.42 3.52
CA TYR A 112 -18.74 18.21 4.95
C TYR A 112 -17.36 18.11 5.57
N PHE A 113 -16.39 17.74 4.75
CA PHE A 113 -15.02 17.64 5.22
C PHE A 113 -14.35 19.00 5.15
N GLY A 114 -14.66 19.73 4.08
CA GLY A 114 -14.12 21.06 3.86
C GLY A 114 -14.03 21.39 2.38
N SER A 115 -13.45 22.55 2.08
CA SER A 115 -13.27 22.99 0.72
C SER A 115 -11.82 22.82 0.30
N PHE A 116 -11.55 23.06 -0.97
CA PHE A 116 -10.19 22.95 -1.47
C PHE A 116 -9.26 23.82 -0.65
N THR A 117 -9.86 24.85 -0.04
CA THR A 117 -9.14 25.78 0.80
C THR A 117 -8.76 25.13 2.11
N ASP A 118 -9.72 24.41 2.68
CA ASP A 118 -9.52 23.70 3.93
C ASP A 118 -8.56 22.56 3.73
N PHE A 119 -8.59 22.00 2.52
CA PHE A 119 -7.71 20.91 2.17
C PHE A 119 -6.27 21.39 2.10
N GLN A 120 -6.11 22.60 1.55
CA GLN A 120 -4.80 23.22 1.44
C GLN A 120 -4.22 23.48 2.82
N ASN A 121 -5.04 24.06 3.69
CA ASN A 121 -4.62 24.36 5.05
C ASN A 121 -4.09 23.10 5.70
N LEU A 122 -4.78 21.99 5.43
CA LEU A 122 -4.42 20.70 5.94
C LEU A 122 -3.05 20.28 5.45
N ILE A 123 -2.89 20.33 4.13
CA ILE A 123 -1.64 19.99 3.48
C ILE A 123 -0.50 20.85 4.01
N ASN A 124 -0.73 22.15 4.01
CA ASN A 124 0.24 23.11 4.48
C ASN A 124 0.60 22.91 5.94
N THR A 125 -0.42 22.90 6.79
CA THR A 125 -0.19 22.71 8.20
C THR A 125 0.58 21.42 8.46
N ALA A 126 0.16 20.36 7.79
CA ALA A 126 0.81 19.07 7.93
C ALA A 126 2.28 19.16 7.56
N HIS A 127 2.55 19.83 6.45
CA HIS A 127 3.91 19.99 5.97
C HIS A 127 4.76 20.84 6.90
N ALA A 128 4.17 21.93 7.38
CA ALA A 128 4.88 22.81 8.30
C ALA A 128 5.31 22.06 9.55
N HIS A 129 4.61 20.97 9.84
CA HIS A 129 4.90 20.15 11.00
C HIS A 129 5.65 18.87 10.67
N ASN A 130 6.03 18.73 9.40
CA ASN A 130 6.79 17.59 8.94
C ASN A 130 5.98 16.31 8.82
N ILE A 131 4.69 16.46 8.53
CA ILE A 131 3.80 15.33 8.36
C ILE A 131 3.34 15.20 6.92
N LYS A 132 3.50 14.00 6.35
CA LYS A 132 3.09 13.73 4.99
C LYS A 132 1.60 13.39 4.94
N VAL A 133 0.92 13.85 3.89
CA VAL A 133 -0.50 13.60 3.76
C VAL A 133 -0.85 12.57 2.70
N ILE A 134 -1.48 11.49 3.15
CA ILE A 134 -1.93 10.42 2.28
C ILE A 134 -3.44 10.46 2.12
N ILE A 135 -3.92 10.21 0.91
CA ILE A 135 -5.36 10.22 0.67
C ILE A 135 -5.86 8.92 0.09
N ASP A 136 -7.09 8.58 0.44
CA ASP A 136 -7.73 7.39 -0.06
C ASP A 136 -8.30 7.68 -1.45
N PHE A 137 -8.19 6.72 -2.35
CA PHE A 137 -8.69 6.90 -3.71
C PHE A 137 -9.31 5.61 -4.22
N ALA A 138 -10.59 5.69 -4.59
CA ALA A 138 -11.33 4.52 -5.08
C ALA A 138 -11.90 4.72 -6.47
N PRO A 139 -11.07 4.40 -7.47
CA PRO A 139 -11.44 4.55 -8.86
C PRO A 139 -12.16 3.33 -9.43
N ASN A 140 -12.61 2.44 -8.55
CA ASN A 140 -13.26 1.22 -8.98
C ASN A 140 -14.75 1.36 -9.19
N HIS A 141 -15.35 2.30 -8.49
CA HIS A 141 -16.79 2.50 -8.56
C HIS A 141 -17.19 3.90 -8.13
N THR A 142 -18.49 4.14 -8.16
CA THR A 142 -19.05 5.39 -7.72
C THR A 142 -19.81 5.20 -6.42
N SER A 143 -21.09 4.89 -6.54
CA SER A 143 -21.92 4.66 -5.37
C SER A 143 -22.83 3.46 -5.54
N PRO A 144 -23.58 3.15 -4.48
CA PRO A 144 -24.50 2.04 -4.51
C PRO A 144 -25.65 2.35 -5.44
N ALA A 145 -25.84 1.52 -6.45
CA ALA A 145 -26.90 1.77 -7.41
C ALA A 145 -27.70 0.53 -7.78
N SER A 146 -28.85 0.77 -8.38
CA SER A 146 -29.75 -0.27 -8.83
C SER A 146 -30.20 0.03 -10.24
N GLU A 147 -29.75 -0.79 -11.18
CA GLU A 147 -30.10 -0.60 -12.57
C GLU A 147 -31.61 -0.62 -12.74
N THR A 148 -32.25 -1.48 -11.97
CA THR A 148 -33.69 -1.65 -12.00
C THR A 148 -34.43 -0.44 -11.47
N ASP A 149 -33.92 0.14 -10.39
CA ASP A 149 -34.55 1.27 -9.75
C ASP A 149 -33.63 2.48 -9.68
N PRO A 150 -33.77 3.38 -10.67
CA PRO A 150 -32.98 4.58 -10.72
C PRO A 150 -33.33 5.52 -9.59
N THR A 151 -34.27 5.07 -8.76
CA THR A 151 -34.72 5.83 -7.62
C THR A 151 -33.92 5.48 -6.36
N TYR A 152 -33.08 4.46 -6.49
CA TYR A 152 -32.24 4.01 -5.41
C TYR A 152 -30.99 4.87 -5.29
N ALA A 153 -30.79 5.48 -4.13
CA ALA A 153 -29.65 6.34 -3.91
C ALA A 153 -29.55 7.38 -5.02
N GLU A 154 -28.36 7.54 -5.56
CA GLU A 154 -28.12 8.49 -6.62
C GLU A 154 -27.85 7.80 -7.96
N ASN A 155 -28.22 6.52 -8.03
CA ASN A 155 -28.05 5.73 -9.23
C ASN A 155 -26.59 5.62 -9.65
N GLY A 156 -25.69 5.86 -8.70
CA GLY A 156 -24.27 5.79 -8.98
C GLY A 156 -23.84 6.83 -10.01
N ARG A 157 -24.57 7.94 -10.04
CA ARG A 157 -24.28 9.03 -10.96
C ARG A 157 -22.87 9.56 -10.81
N LEU A 158 -22.24 9.80 -11.95
CA LEU A 158 -20.88 10.31 -12.02
C LEU A 158 -20.82 11.71 -12.63
N TYR A 159 -20.23 12.64 -11.88
CA TYR A 159 -20.08 14.00 -12.34
C TYR A 159 -18.64 14.34 -12.67
N ASP A 160 -18.46 15.34 -13.52
CA ASP A 160 -17.14 15.78 -13.89
C ASP A 160 -17.01 17.26 -13.60
N ASN A 161 -16.69 17.57 -12.35
CA ASN A 161 -16.56 18.95 -11.93
C ASN A 161 -17.88 19.69 -12.08
N GLY A 162 -18.95 19.03 -11.62
CA GLY A 162 -20.29 19.61 -11.67
C GLY A 162 -21.17 19.02 -12.76
N THR A 163 -20.64 18.92 -13.98
CA THR A 163 -21.42 18.39 -15.09
C THR A 163 -21.54 16.88 -15.06
N LEU A 164 -22.80 16.42 -15.11
CA LEU A 164 -23.12 15.01 -15.09
C LEU A 164 -22.63 14.26 -16.32
N LEU A 165 -22.03 13.10 -16.06
CA LEU A 165 -21.54 12.23 -17.11
C LEU A 165 -22.58 11.18 -17.44
N GLY A 166 -23.12 10.57 -16.38
CA GLY A 166 -24.13 9.54 -16.53
C GLY A 166 -24.39 8.80 -15.24
N GLY A 167 -25.48 8.04 -15.23
CA GLY A 167 -25.89 7.24 -14.10
C GLY A 167 -25.72 5.76 -14.38
N TYR A 168 -26.24 4.93 -13.50
CA TYR A 168 -26.14 3.51 -13.68
C TYR A 168 -27.18 2.98 -14.67
N THR A 169 -28.43 3.45 -14.50
CA THR A 169 -29.50 3.07 -15.39
C THR A 169 -29.47 3.92 -16.64
N ASN A 170 -29.76 3.31 -17.78
CA ASN A 170 -29.76 4.03 -19.04
C ASN A 170 -28.33 4.47 -19.40
N ASP A 171 -27.37 3.60 -19.09
CA ASP A 171 -25.97 3.86 -19.37
C ASP A 171 -25.64 3.59 -20.83
N THR A 172 -26.12 4.48 -21.70
CA THR A 172 -25.90 4.34 -23.13
C THR A 172 -24.43 4.52 -23.50
N ASN A 173 -23.72 5.29 -22.68
CA ASN A 173 -22.32 5.58 -22.91
C ASN A 173 -21.38 4.41 -22.60
N GLY A 174 -21.82 3.54 -21.70
CA GLY A 174 -21.02 2.39 -21.32
C GLY A 174 -19.93 2.75 -20.33
N TYR A 175 -20.24 3.65 -19.41
CA TYR A 175 -19.30 4.08 -18.40
C TYR A 175 -19.17 3.07 -17.27
N PHE A 176 -20.18 2.19 -17.15
CA PHE A 176 -20.23 1.20 -16.08
C PHE A 176 -20.31 -0.24 -16.58
N HIS A 177 -20.08 -1.18 -15.67
CA HIS A 177 -20.15 -2.59 -15.95
C HIS A 177 -21.48 -3.18 -15.52
N HIS A 178 -22.25 -3.64 -16.49
CA HIS A 178 -23.54 -4.22 -16.20
C HIS A 178 -23.51 -5.74 -16.28
N TYR A 179 -22.62 -6.33 -15.47
CA TYR A 179 -22.44 -7.77 -15.41
C TYR A 179 -22.95 -8.38 -14.11
N GLY A 180 -23.77 -7.64 -13.38
CA GLY A 180 -24.29 -8.11 -12.12
C GLY A 180 -23.28 -7.86 -11.00
N GLY A 181 -23.34 -8.69 -9.97
CA GLY A 181 -22.45 -8.55 -8.84
C GLY A 181 -21.47 -9.71 -8.71
N THR A 182 -20.33 -9.46 -8.07
CA THR A 182 -19.34 -10.47 -7.87
C THR A 182 -19.63 -11.34 -6.66
N ASP A 183 -19.15 -12.56 -6.71
CA ASP A 183 -19.33 -13.52 -5.65
C ASP A 183 -17.98 -14.03 -5.19
N PHE A 184 -16.94 -13.41 -5.75
CA PHE A 184 -15.57 -13.73 -5.42
C PHE A 184 -15.15 -15.13 -5.88
N SER A 185 -15.93 -15.72 -6.78
CA SER A 185 -15.63 -17.04 -7.30
C SER A 185 -14.27 -17.07 -7.97
N SER A 186 -13.97 -16.03 -8.73
CA SER A 186 -12.72 -15.95 -9.45
C SER A 186 -12.15 -14.55 -9.47
N TYR A 187 -10.90 -14.47 -9.94
CA TYR A 187 -10.19 -13.21 -10.06
C TYR A 187 -10.91 -12.30 -11.04
N GLU A 188 -11.30 -12.89 -12.17
CA GLU A 188 -12.00 -12.20 -13.22
C GLU A 188 -13.41 -11.81 -12.81
N ASP A 189 -14.01 -12.62 -11.95
CA ASP A 189 -15.36 -12.36 -11.49
C ASP A 189 -15.46 -11.08 -10.66
N GLY A 190 -14.48 -10.89 -9.78
CA GLY A 190 -14.45 -9.75 -8.90
C GLY A 190 -13.90 -8.48 -9.55
N ILE A 191 -13.55 -8.57 -10.83
CA ILE A 191 -13.01 -7.43 -11.54
C ILE A 191 -14.03 -6.71 -12.39
N TYR A 192 -14.74 -7.48 -13.21
CA TYR A 192 -15.73 -6.97 -14.14
C TYR A 192 -17.15 -6.94 -13.60
N ARG A 193 -17.31 -7.41 -12.36
CA ARG A 193 -18.59 -7.43 -11.70
C ARG A 193 -18.62 -6.44 -10.53
N ASN A 194 -19.82 -6.11 -10.08
CA ASN A 194 -20.01 -5.16 -9.00
C ASN A 194 -19.52 -5.62 -7.64
N LEU A 195 -18.78 -4.73 -6.99
CA LEU A 195 -18.30 -4.97 -5.64
C LEU A 195 -19.46 -4.60 -4.73
N PHE A 196 -20.27 -5.59 -4.40
CA PHE A 196 -21.48 -5.37 -3.61
C PHE A 196 -22.55 -4.78 -4.53
N ASP A 197 -23.05 -3.61 -4.17
CA ASP A 197 -24.04 -2.95 -5.00
C ASP A 197 -23.49 -1.67 -5.62
N LEU A 198 -22.18 -1.48 -5.47
CA LEU A 198 -21.50 -0.31 -5.98
C LEU A 198 -21.41 -0.34 -7.51
N ALA A 199 -21.82 0.77 -8.15
CA ALA A 199 -21.76 0.86 -9.60
C ALA A 199 -20.33 0.79 -10.11
N ASP A 200 -20.00 -0.35 -10.73
CA ASP A 200 -18.67 -0.59 -11.25
C ASP A 200 -18.32 0.28 -12.45
N LEU A 201 -17.18 0.96 -12.35
CA LEU A 201 -16.70 1.83 -13.42
C LEU A 201 -15.99 1.03 -14.49
N ASN A 202 -16.24 1.40 -15.75
CA ASN A 202 -15.61 0.75 -16.88
C ASN A 202 -14.40 1.57 -17.33
N GLN A 203 -13.28 1.35 -16.65
CA GLN A 203 -12.05 2.07 -16.94
C GLN A 203 -11.53 1.82 -18.34
N GLN A 204 -12.05 0.78 -18.99
CA GLN A 204 -11.63 0.48 -20.34
C GLN A 204 -12.20 1.53 -21.28
N ASN A 205 -13.21 2.22 -20.79
CA ASN A 205 -13.85 3.28 -21.54
C ASN A 205 -12.92 4.47 -21.61
N SER A 206 -12.63 4.91 -22.84
CA SER A 206 -11.73 6.04 -23.06
C SER A 206 -12.03 7.24 -22.17
N THR A 207 -13.31 7.57 -22.07
CA THR A 207 -13.75 8.69 -21.25
C THR A 207 -13.41 8.53 -19.78
N ILE A 208 -13.64 7.31 -19.27
CA ILE A 208 -13.36 7.00 -17.87
C ILE A 208 -11.87 6.99 -17.59
N ASP A 209 -11.12 6.36 -18.48
CA ASP A 209 -9.68 6.31 -18.32
C ASP A 209 -9.10 7.71 -18.21
N SER A 210 -9.56 8.60 -19.10
CA SER A 210 -9.12 9.98 -19.13
C SER A 210 -9.58 10.75 -17.91
N TYR A 211 -10.83 10.51 -17.52
CA TYR A 211 -11.44 11.17 -16.39
C TYR A 211 -10.70 10.86 -15.08
N LEU A 212 -10.38 9.59 -14.89
CA LEU A 212 -9.70 9.14 -13.70
C LEU A 212 -8.28 9.68 -13.58
N LYS A 213 -7.60 9.77 -14.73
CA LYS A 213 -6.25 10.28 -14.76
C LYS A 213 -6.19 11.77 -14.45
N SER A 214 -7.15 12.50 -15.00
CA SER A 214 -7.23 13.93 -14.77
C SER A 214 -7.68 14.23 -13.35
N ALA A 215 -8.57 13.38 -12.84
CA ALA A 215 -9.09 13.53 -11.51
C ALA A 215 -7.99 13.44 -10.45
N ILE A 216 -7.07 12.51 -10.62
CA ILE A 216 -5.98 12.33 -9.69
C ILE A 216 -5.00 13.50 -9.73
N LYS A 217 -4.78 14.06 -10.92
CA LYS A 217 -3.88 15.17 -11.06
C LYS A 217 -4.36 16.38 -10.26
N VAL A 218 -5.67 16.45 -10.07
CA VAL A 218 -6.29 17.50 -9.31
C VAL A 218 -5.76 17.49 -7.88
N TRP A 219 -5.69 16.29 -7.30
CA TRP A 219 -5.21 16.10 -5.95
C TRP A 219 -3.70 16.16 -5.85
N LEU A 220 -3.01 15.58 -6.82
CA LEU A 220 -1.56 15.64 -6.83
C LEU A 220 -1.12 17.09 -6.83
N ASP A 221 -1.92 17.92 -7.48
CA ASP A 221 -1.67 19.33 -7.57
C ASP A 221 -1.96 20.05 -6.27
N MET A 222 -2.74 19.39 -5.42
CA MET A 222 -3.09 19.94 -4.13
C MET A 222 -1.95 19.81 -3.12
N GLY A 223 -0.96 19.00 -3.48
CA GLY A 223 0.22 18.80 -2.64
C GLY A 223 0.26 17.48 -1.87
N ILE A 224 -0.63 16.54 -2.20
CA ILE A 224 -0.64 15.26 -1.51
C ILE A 224 0.70 14.54 -1.66
N ASP A 225 1.06 13.77 -0.62
CA ASP A 225 2.33 13.05 -0.62
C ASP A 225 2.19 11.54 -0.74
N GLY A 226 0.98 11.06 -1.00
CA GLY A 226 0.77 9.63 -1.11
C GLY A 226 -0.67 9.28 -1.43
N ILE A 227 -0.87 8.07 -1.94
CA ILE A 227 -2.20 7.63 -2.31
C ILE A 227 -2.50 6.21 -1.85
N ARG A 228 -3.71 6.01 -1.35
CA ARG A 228 -4.16 4.70 -0.97
C ARG A 228 -5.24 4.24 -1.92
N LEU A 229 -4.84 3.42 -2.89
CA LEU A 229 -5.76 2.89 -3.86
C LEU A 229 -6.69 1.87 -3.27
N ASP A 230 -7.98 2.09 -3.52
CA ASP A 230 -9.02 1.23 -3.03
C ASP A 230 -9.30 0.03 -3.94
N ALA A 231 -9.63 -1.09 -3.30
CA ALA A 231 -10.00 -2.34 -3.96
C ALA A 231 -9.19 -2.66 -5.22
N VAL A 232 -7.88 -2.54 -5.13
CA VAL A 232 -7.02 -2.84 -6.26
C VAL A 232 -7.22 -4.26 -6.76
N LYS A 233 -7.89 -5.04 -5.94
CA LYS A 233 -8.19 -6.43 -6.23
C LYS A 233 -9.41 -6.57 -7.15
N HIS A 234 -10.11 -5.45 -7.33
CA HIS A 234 -11.32 -5.42 -8.13
C HIS A 234 -11.21 -4.68 -9.46
N MET A 235 -9.98 -4.38 -9.86
CA MET A 235 -9.71 -3.70 -11.11
C MET A 235 -8.63 -4.44 -11.88
N PRO A 236 -8.67 -4.32 -13.20
CA PRO A 236 -7.70 -4.99 -14.03
C PRO A 236 -6.28 -4.52 -13.77
N PHE A 237 -5.36 -5.48 -13.71
CA PHE A 237 -3.96 -5.18 -13.49
C PHE A 237 -3.40 -4.25 -14.55
N GLY A 238 -3.76 -4.54 -15.80
CA GLY A 238 -3.32 -3.75 -16.94
C GLY A 238 -3.66 -2.28 -16.79
N TRP A 239 -4.92 -2.00 -16.48
CA TRP A 239 -5.34 -0.62 -16.31
C TRP A 239 -4.62 0.08 -15.17
N GLN A 240 -4.47 -0.64 -14.06
CA GLN A 240 -3.80 -0.09 -12.89
C GLN A 240 -2.34 0.22 -13.16
N LYS A 241 -1.69 -0.66 -13.90
CA LYS A 241 -0.29 -0.45 -14.25
C LYS A 241 -0.15 0.79 -15.11
N ASN A 242 -1.13 0.97 -16.00
CA ASN A 242 -1.18 2.10 -16.89
C ASN A 242 -1.53 3.39 -16.15
N PHE A 243 -2.31 3.25 -15.09
CA PHE A 243 -2.72 4.36 -14.26
C PHE A 243 -1.56 4.86 -13.43
N MET A 244 -0.76 3.91 -12.95
CA MET A 244 0.41 4.20 -12.15
C MET A 244 1.42 5.01 -12.93
N ASP A 245 1.64 4.62 -14.18
CA ASP A 245 2.58 5.31 -15.04
C ASP A 245 2.22 6.78 -15.15
N SER A 246 0.92 7.04 -15.35
CA SER A 246 0.46 8.40 -15.49
C SER A 246 0.72 9.22 -14.23
N ILE A 247 0.58 8.59 -13.07
CA ILE A 247 0.83 9.26 -11.80
C ILE A 247 2.30 9.56 -11.62
N LEU A 248 3.12 8.52 -11.79
CA LEU A 248 4.56 8.62 -11.65
C LEU A 248 5.21 9.55 -12.66
N SER A 249 4.55 9.69 -13.82
CA SER A 249 5.06 10.55 -14.86
C SER A 249 4.75 12.00 -14.59
N TYR A 250 3.62 12.22 -13.92
CA TYR A 250 3.17 13.54 -13.57
C TYR A 250 3.90 14.08 -12.36
N ARG A 251 3.85 13.32 -11.28
CA ARG A 251 4.50 13.65 -10.04
C ARG A 251 4.47 12.46 -9.10
N PRO A 252 5.60 11.76 -9.04
CA PRO A 252 5.72 10.56 -8.23
C PRO A 252 5.41 10.79 -6.76
N VAL A 253 4.66 9.85 -6.19
CA VAL A 253 4.28 9.83 -4.80
C VAL A 253 4.02 8.39 -4.38
N PHE A 254 4.52 8.04 -3.20
CA PHE A 254 4.34 6.70 -2.67
C PHE A 254 2.89 6.25 -2.77
N THR A 255 2.68 5.11 -3.44
CA THR A 255 1.34 4.58 -3.62
C THR A 255 1.24 3.12 -3.21
N PHE A 256 0.18 2.80 -2.47
CA PHE A 256 -0.09 1.44 -2.01
C PHE A 256 -1.56 1.10 -2.15
N GLY A 257 -1.84 -0.09 -2.65
CA GLY A 257 -3.21 -0.52 -2.87
C GLY A 257 -3.74 -1.46 -1.80
N GLU A 258 -5.06 -1.66 -1.81
CA GLU A 258 -5.71 -2.53 -0.87
C GLU A 258 -6.16 -3.85 -1.50
N TRP A 259 -5.39 -4.90 -1.26
CA TRP A 259 -5.70 -6.22 -1.76
C TRP A 259 -5.99 -7.15 -0.58
N PHE A 260 -7.26 -7.22 -0.23
CA PHE A 260 -7.74 -8.00 0.89
C PHE A 260 -7.36 -9.48 0.88
N LEU A 261 -6.71 -9.90 1.96
CA LEU A 261 -6.31 -11.28 2.18
C LEU A 261 -6.83 -11.75 3.53
N GLY A 262 -7.49 -12.91 3.53
CA GLY A 262 -8.03 -13.47 4.75
C GLY A 262 -6.98 -14.22 5.55
N THR A 263 -7.41 -14.84 6.64
CA THR A 263 -6.53 -15.59 7.50
C THR A 263 -5.89 -16.76 6.76
N ASN A 264 -4.57 -16.86 6.85
CA ASN A 264 -3.83 -17.93 6.20
C ASN A 264 -3.95 -17.87 4.68
N GLU A 265 -4.51 -16.77 4.17
CA GLU A 265 -4.69 -16.62 2.75
C GLU A 265 -3.47 -16.09 2.03
N ILE A 266 -3.11 -16.79 0.95
CA ILE A 266 -2.00 -16.43 0.10
C ILE A 266 -2.49 -16.45 -1.34
N ASP A 267 -2.23 -15.37 -2.07
CA ASP A 267 -2.68 -15.27 -3.44
C ASP A 267 -1.57 -14.87 -4.39
N VAL A 268 -1.27 -15.76 -5.32
CA VAL A 268 -0.22 -15.54 -6.30
C VAL A 268 -0.45 -14.27 -7.11
N ASN A 269 -1.72 -13.98 -7.38
CA ASN A 269 -2.07 -12.77 -8.11
C ASN A 269 -1.71 -11.55 -7.32
N ASN A 270 -1.87 -11.67 -6.00
CA ASN A 270 -1.57 -10.61 -5.07
C ASN A 270 -0.08 -10.30 -5.07
N THR A 271 0.73 -11.36 -5.11
CA THR A 271 2.18 -11.23 -5.12
C THR A 271 2.66 -10.57 -6.40
N TYR A 272 2.14 -11.05 -7.53
CA TYR A 272 2.49 -10.53 -8.83
C TYR A 272 2.15 -9.05 -8.94
N PHE A 273 0.99 -8.70 -8.41
CA PHE A 273 0.52 -7.34 -8.42
C PHE A 273 1.51 -6.40 -7.75
N ALA A 274 1.87 -6.74 -6.53
CA ALA A 274 2.81 -5.94 -5.75
C ALA A 274 4.17 -5.87 -6.40
N ASN A 275 4.48 -6.85 -7.22
CA ASN A 275 5.76 -6.94 -7.90
C ASN A 275 5.81 -6.32 -9.28
N GLU A 276 4.65 -6.06 -9.89
CA GLU A 276 4.65 -5.52 -11.24
C GLU A 276 3.75 -4.30 -11.44
N SER A 277 2.75 -4.16 -10.59
CA SER A 277 1.81 -3.05 -10.71
C SER A 277 2.46 -1.68 -10.74
N GLY A 278 3.56 -1.53 -10.03
CA GLY A 278 4.25 -0.26 -9.95
C GLY A 278 3.84 0.48 -8.68
N MET A 279 3.05 -0.21 -7.85
CA MET A 279 2.57 0.32 -6.59
C MET A 279 2.78 -0.70 -5.48
N SER A 280 2.71 -0.22 -4.24
CA SER A 280 2.88 -1.08 -3.08
C SER A 280 1.54 -1.65 -2.63
N LEU A 281 1.58 -2.47 -1.58
CA LEU A 281 0.38 -3.10 -1.06
C LEU A 281 0.32 -3.10 0.44
N LEU A 282 -0.91 -3.15 0.97
CA LEU A 282 -1.11 -3.25 2.39
C LEU A 282 -0.79 -4.68 2.80
N ASP A 283 0.10 -4.85 3.76
CA ASP A 283 0.52 -6.17 4.18
C ASP A 283 -0.54 -6.92 4.97
N PHE A 284 -1.45 -7.57 4.23
CA PHE A 284 -2.52 -8.34 4.83
C PHE A 284 -2.02 -9.64 5.44
N ARG A 285 -0.97 -10.19 4.84
CA ARG A 285 -0.36 -11.41 5.34
C ARG A 285 0.25 -11.15 6.71
N PHE A 286 0.83 -9.96 6.83
CA PHE A 286 1.44 -9.52 8.06
C PHE A 286 0.38 -9.25 9.12
N SER A 287 -0.59 -8.42 8.74
CA SER A 287 -1.68 -8.06 9.62
C SER A 287 -2.45 -9.25 10.16
N GLN A 288 -2.84 -10.15 9.27
CA GLN A 288 -3.61 -11.33 9.64
C GLN A 288 -2.85 -12.30 10.56
N LYS A 289 -1.54 -12.41 10.34
CA LYS A 289 -0.72 -13.29 11.16
C LYS A 289 -0.53 -12.74 12.57
N VAL A 290 -0.30 -11.44 12.65
CA VAL A 290 -0.12 -10.76 13.91
C VAL A 290 -1.30 -10.96 14.85
N ARG A 291 -2.50 -10.97 14.27
CA ARG A 291 -3.72 -11.14 15.03
C ARG A 291 -3.88 -12.55 15.52
N GLN A 292 -3.43 -13.49 14.71
CA GLN A 292 -3.48 -14.90 15.04
C GLN A 292 -2.64 -15.18 16.26
N VAL A 293 -1.46 -14.55 16.29
CA VAL A 293 -0.49 -14.74 17.35
C VAL A 293 -0.76 -13.95 18.63
N PHE A 294 -0.97 -12.65 18.50
CA PHE A 294 -1.17 -11.78 19.65
C PHE A 294 -2.61 -11.58 20.09
N ARG A 295 -3.55 -11.78 19.18
CA ARG A 295 -4.94 -11.52 19.50
C ARG A 295 -5.82 -12.75 19.74
N ASP A 296 -6.06 -13.51 18.67
CA ASP A 296 -6.94 -14.67 18.72
C ASP A 296 -6.29 -15.99 19.12
N ASN A 297 -4.97 -16.00 19.18
CA ASN A 297 -4.26 -17.21 19.57
C ASN A 297 -4.65 -18.43 18.74
N THR A 298 -4.41 -18.33 17.43
CA THR A 298 -4.70 -19.43 16.51
C THR A 298 -3.45 -19.84 15.75
N ASP A 299 -2.32 -19.38 16.26
CA ASP A 299 -1.01 -19.67 15.73
C ASP A 299 0.07 -19.23 16.72
N THR A 300 1.28 -19.78 16.56
CA THR A 300 2.38 -19.47 17.46
C THR A 300 3.41 -18.55 16.85
N MET A 301 4.41 -18.23 17.67
CA MET A 301 5.49 -17.37 17.25
C MET A 301 6.19 -17.99 16.04
N TYR A 302 6.07 -19.31 15.91
CA TYR A 302 6.64 -20.05 14.80
C TYR A 302 5.96 -19.63 13.51
N GLY A 303 4.65 -19.42 13.59
CA GLY A 303 3.86 -19.00 12.46
C GLY A 303 4.19 -17.57 12.08
N LEU A 304 4.53 -16.78 13.08
CA LEU A 304 4.89 -15.40 12.88
C LEU A 304 6.19 -15.29 12.10
N ASP A 305 7.16 -16.10 12.50
CA ASP A 305 8.46 -16.14 11.85
C ASP A 305 8.35 -16.60 10.40
N SER A 306 7.63 -17.71 10.20
CA SER A 306 7.46 -18.23 8.86
C SER A 306 6.83 -17.20 7.94
N MET A 307 5.98 -16.35 8.51
CA MET A 307 5.34 -15.30 7.76
C MET A 307 6.35 -14.25 7.35
N ILE A 308 7.27 -13.97 8.26
CA ILE A 308 8.33 -13.01 8.02
C ILE A 308 9.26 -13.47 6.92
N GLN A 309 9.54 -14.78 6.91
CA GLN A 309 10.43 -15.38 5.94
C GLN A 309 9.81 -15.55 4.55
N SER A 310 8.59 -16.11 4.51
CA SER A 310 7.90 -16.33 3.25
C SER A 310 7.57 -15.03 2.55
N THR A 311 7.24 -14.06 3.38
CA THR A 311 6.91 -12.73 2.92
C THR A 311 8.10 -12.08 2.23
N ALA A 312 9.27 -12.27 2.83
CA ALA A 312 10.51 -11.70 2.34
C ALA A 312 10.95 -12.26 0.99
N SER A 313 10.51 -13.47 0.68
CA SER A 313 10.87 -14.12 -0.57
C SER A 313 9.92 -13.77 -1.70
N ASP A 314 8.65 -13.63 -1.37
CA ASP A 314 7.61 -13.32 -2.33
C ASP A 314 7.65 -11.89 -2.83
N TYR A 315 7.74 -10.96 -1.90
CA TYR A 315 7.75 -9.55 -2.23
C TYR A 315 9.12 -9.01 -2.59
N ASN A 316 9.23 -8.45 -3.79
CA ASN A 316 10.47 -7.87 -4.28
C ASN A 316 10.88 -6.64 -3.50
N PHE A 317 9.89 -5.95 -2.97
CA PHE A 317 10.13 -4.73 -2.23
C PHE A 317 9.43 -4.74 -0.87
N ILE A 318 9.90 -5.59 0.04
CA ILE A 318 9.31 -5.72 1.38
C ILE A 318 9.33 -4.43 2.19
N ASN A 319 10.32 -3.58 1.94
CA ASN A 319 10.43 -2.34 2.67
C ASN A 319 9.31 -1.38 2.35
N ASP A 320 8.51 -1.72 1.36
CA ASP A 320 7.40 -0.91 0.93
C ASP A 320 6.06 -1.39 1.42
N MET A 321 6.04 -2.62 1.94
CA MET A 321 4.82 -3.21 2.44
C MET A 321 4.24 -2.45 3.64
N VAL A 322 3.00 -2.01 3.50
CA VAL A 322 2.34 -1.27 4.57
C VAL A 322 1.68 -2.17 5.60
N THR A 323 2.32 -2.29 6.75
CA THR A 323 1.86 -3.13 7.84
C THR A 323 0.78 -2.49 8.70
N PHE A 324 0.12 -3.33 9.51
CA PHE A 324 -0.95 -2.89 10.39
C PHE A 324 -1.57 -4.07 11.16
N ILE A 325 -2.14 -3.77 12.33
CA ILE A 325 -2.77 -4.81 13.14
C ILE A 325 -4.28 -4.80 13.01
N ASP A 326 -4.82 -3.68 12.53
CA ASP A 326 -6.26 -3.55 12.33
C ASP A 326 -6.60 -2.38 11.44
N ASN A 327 -7.89 -2.25 11.13
CA ASN A 327 -8.36 -1.17 10.28
C ASN A 327 -9.87 -1.02 10.32
N HIS A 328 -10.38 -0.05 9.56
CA HIS A 328 -11.80 0.26 9.51
C HIS A 328 -12.66 -0.90 9.03
N ASP A 329 -12.02 -1.94 8.51
CA ASP A 329 -12.74 -3.11 8.01
C ASP A 329 -12.68 -4.29 8.96
N MET A 330 -11.69 -4.26 9.86
CA MET A 330 -11.49 -5.32 10.82
C MET A 330 -12.00 -4.97 12.21
N ASP A 331 -12.19 -6.01 13.03
CA ASP A 331 -12.59 -5.81 14.40
C ASP A 331 -11.44 -5.12 15.09
N ARG A 332 -11.72 -4.17 15.99
CA ARG A 332 -10.63 -3.48 16.65
C ARG A 332 -9.70 -4.46 17.36
N PHE A 333 -8.39 -4.25 17.21
CA PHE A 333 -7.39 -5.13 17.82
C PHE A 333 -7.63 -5.37 19.29
N TYR A 334 -7.90 -4.31 20.04
CA TYR A 334 -8.17 -4.45 21.45
C TYR A 334 -9.59 -4.96 21.64
N ASN A 335 -9.73 -6.11 22.30
CA ASN A 335 -11.01 -6.74 22.48
C ASN A 335 -11.33 -7.04 23.92
N GLY A 336 -10.89 -6.17 24.82
CA GLY A 336 -11.13 -6.38 26.23
C GLY A 336 -10.00 -7.20 26.85
N GLY A 337 -10.05 -7.36 28.16
CA GLY A 337 -9.00 -8.09 28.85
C GLY A 337 -7.74 -7.25 28.97
N SER A 338 -6.59 -7.91 29.00
CA SER A 338 -5.31 -7.24 29.13
C SER A 338 -4.97 -6.41 27.89
N THR A 339 -4.29 -5.30 28.11
CA THR A 339 -3.88 -4.42 27.03
C THR A 339 -2.48 -4.74 26.55
N ARG A 340 -1.81 -5.64 27.25
CA ARG A 340 -0.45 -6.02 26.90
C ARG A 340 -0.33 -6.47 25.46
N PRO A 341 -1.23 -7.35 25.04
CA PRO A 341 -1.22 -7.86 23.69
C PRO A 341 -1.16 -6.79 22.61
N VAL A 342 -1.95 -5.72 22.77
CA VAL A 342 -1.93 -4.64 21.78
C VAL A 342 -0.56 -4.00 21.70
N GLU A 343 -0.03 -3.66 22.87
CA GLU A 343 1.27 -3.03 22.98
C GLU A 343 2.36 -3.86 22.32
N GLN A 344 2.30 -5.17 22.51
CA GLN A 344 3.27 -6.06 21.90
C GLN A 344 3.13 -6.06 20.39
N ALA A 345 1.89 -5.94 19.93
CA ALA A 345 1.58 -5.90 18.51
C ALA A 345 2.05 -4.60 17.89
N LEU A 346 1.96 -3.53 18.68
CA LEU A 346 2.39 -2.20 18.27
C LEU A 346 3.90 -2.12 18.17
N ALA A 347 4.57 -2.68 19.19
CA ALA A 347 6.01 -2.69 19.25
C ALA A 347 6.61 -3.54 18.14
N PHE A 348 6.00 -4.69 17.91
CA PHE A 348 6.44 -5.59 16.87
C PHE A 348 6.32 -4.93 15.51
N THR A 349 5.16 -4.32 15.29
CA THR A 349 4.87 -3.64 14.04
C THR A 349 5.83 -2.47 13.80
N LEU A 350 6.05 -1.68 14.84
CA LEU A 350 6.91 -0.51 14.76
C LEU A 350 8.37 -0.82 14.47
N THR A 351 8.82 -1.98 14.92
CA THR A 351 10.20 -2.39 14.73
C THR A 351 10.39 -3.39 13.60
N SER A 352 9.32 -3.69 12.90
CA SER A 352 9.36 -4.64 11.80
C SER A 352 9.48 -3.97 10.43
N ARG A 353 9.85 -4.76 9.44
CA ARG A 353 10.03 -4.28 8.08
C ARG A 353 8.75 -3.75 7.45
N GLY A 354 8.94 -2.83 6.48
CA GLY A 354 7.84 -2.22 5.77
C GLY A 354 7.54 -0.79 6.21
N VAL A 355 6.26 -0.44 6.18
CA VAL A 355 5.77 0.87 6.57
C VAL A 355 4.55 0.70 7.47
N PRO A 356 4.72 1.03 8.76
CA PRO A 356 3.65 0.88 9.72
C PRO A 356 2.55 1.91 9.58
N ALA A 357 1.33 1.43 9.83
CA ALA A 357 0.13 2.25 9.80
C ALA A 357 -0.66 1.97 11.07
N ILE A 358 -1.08 3.04 11.76
CA ILE A 358 -1.83 2.89 12.98
C ILE A 358 -3.23 3.47 12.88
N TYR A 359 -4.21 2.62 13.13
CA TYR A 359 -5.60 3.02 13.09
C TYR A 359 -5.89 3.95 14.25
N TYR A 360 -6.50 5.09 13.94
CA TYR A 360 -6.82 6.09 14.96
C TYR A 360 -7.56 5.47 16.13
N GLY A 361 -7.14 5.80 17.34
CA GLY A 361 -7.79 5.29 18.54
C GLY A 361 -7.15 4.03 19.10
N THR A 362 -6.16 3.49 18.40
CA THR A 362 -5.49 2.30 18.89
C THR A 362 -4.80 2.62 20.20
N GLU A 363 -4.17 3.79 20.21
CA GLU A 363 -3.45 4.29 21.38
C GLU A 363 -4.39 4.69 22.50
N GLN A 364 -5.70 4.57 22.22
CA GLN A 364 -6.72 4.90 23.19
C GLN A 364 -7.47 3.65 23.67
N TYR A 365 -7.02 2.49 23.21
CA TYR A 365 -7.61 1.22 23.57
C TYR A 365 -9.06 1.09 23.13
N MET A 366 -9.38 1.74 22.01
CA MET A 366 -10.72 1.68 21.47
C MET A 366 -11.12 0.28 21.05
N THR A 367 -12.35 -0.09 21.39
CA THR A 367 -12.89 -1.38 21.03
C THR A 367 -14.03 -1.23 20.03
N GLY A 368 -14.32 -2.29 19.30
CA GLY A 368 -15.37 -2.27 18.31
C GLY A 368 -15.20 -3.39 17.30
N ASN A 369 -16.14 -4.32 17.30
CA ASN A 369 -16.09 -5.45 16.40
C ASN A 369 -17.03 -5.31 15.21
N GLY A 370 -16.44 -5.17 14.03
CA GLY A 370 -17.17 -5.07 12.78
C GLY A 370 -17.70 -3.68 12.49
N ASP A 371 -17.85 -3.42 11.20
CA ASP A 371 -18.37 -2.15 10.69
C ASP A 371 -19.85 -2.04 11.05
N PRO A 372 -20.28 -0.87 11.58
CA PRO A 372 -19.45 0.30 11.78
C PRO A 372 -18.99 0.47 13.23
N TYR A 373 -19.16 -0.56 14.03
CA TYR A 373 -18.77 -0.50 15.43
C TYR A 373 -17.30 -0.14 15.60
N ASN A 374 -16.51 -0.42 14.56
CA ASN A 374 -15.08 -0.15 14.58
C ASN A 374 -14.74 1.23 14.06
N ARG A 375 -15.78 2.05 13.87
CA ARG A 375 -15.60 3.41 13.37
C ARG A 375 -16.22 4.45 14.28
N ALA A 376 -16.09 4.24 15.59
CA ALA A 376 -16.64 5.15 16.58
C ALA A 376 -15.88 6.46 16.66
N MET A 377 -16.53 7.48 17.24
CA MET A 377 -15.93 8.80 17.39
C MET A 377 -14.71 8.76 18.29
N MET A 378 -13.72 9.60 17.99
CA MET A 378 -12.50 9.67 18.79
C MET A 378 -12.82 9.81 20.25
N THR A 379 -12.52 8.76 20.99
CA THR A 379 -12.77 8.71 22.41
C THR A 379 -12.10 9.84 23.19
N SER A 380 -10.81 9.69 23.42
CA SER A 380 -10.08 10.70 24.16
C SER A 380 -8.74 11.00 23.53
N PHE A 381 -8.11 12.05 24.03
CA PHE A 381 -6.84 12.47 23.54
C PHE A 381 -5.80 12.49 24.66
N ASN A 382 -5.84 11.42 25.46
CA ASN A 382 -4.93 11.23 26.57
C ASN A 382 -3.57 10.74 26.07
N THR A 383 -2.52 11.38 26.57
CA THR A 383 -1.16 11.05 26.18
C THR A 383 -0.42 10.22 27.21
N SER A 384 -1.14 9.68 28.18
CA SER A 384 -0.55 8.89 29.25
C SER A 384 -0.59 7.38 28.99
N THR A 385 -1.47 6.97 28.09
CA THR A 385 -1.62 5.56 27.77
C THR A 385 -0.29 4.89 27.42
N THR A 386 -0.10 3.69 27.95
CA THR A 386 1.12 2.94 27.70
C THR A 386 1.32 2.75 26.21
N ALA A 387 0.21 2.66 25.49
CA ALA A 387 0.22 2.48 24.05
C ALA A 387 0.67 3.76 23.35
N TYR A 388 0.28 4.89 23.91
CA TYR A 388 0.65 6.18 23.35
C TYR A 388 2.16 6.42 23.49
N ASN A 389 2.72 5.93 24.59
CA ASN A 389 4.13 6.05 24.87
C ASN A 389 4.98 5.10 24.06
N VAL A 390 4.45 3.91 23.82
CA VAL A 390 5.13 2.90 23.05
C VAL A 390 5.47 3.43 21.65
N ILE A 391 4.46 4.01 21.02
CA ILE A 391 4.62 4.59 19.69
C ILE A 391 5.58 5.76 19.75
N LYS A 392 5.40 6.58 20.76
CA LYS A 392 6.22 7.75 20.98
C LYS A 392 7.70 7.42 21.01
N LYS A 393 8.03 6.29 21.66
CA LYS A 393 9.41 5.85 21.80
C LYS A 393 9.96 5.10 20.59
N LEU A 394 9.15 4.21 20.05
CA LEU A 394 9.56 3.38 18.92
C LEU A 394 9.51 4.04 17.56
N ALA A 395 8.53 4.92 17.35
CA ALA A 395 8.37 5.58 16.08
C ALA A 395 9.65 6.23 15.55
N PRO A 396 10.27 7.07 16.38
CA PRO A 396 11.48 7.77 16.01
C PRO A 396 12.62 6.87 15.56
N LEU A 397 12.65 5.65 16.08
CA LEU A 397 13.71 4.71 15.74
C LEU A 397 13.84 4.48 14.24
N ARG A 398 12.72 4.54 13.54
CA ARG A 398 12.71 4.32 12.10
C ARG A 398 13.55 5.33 11.34
N LYS A 399 13.82 6.46 11.99
CA LYS A 399 14.61 7.51 11.39
C LYS A 399 16.06 7.48 11.86
N SER A 400 16.23 7.12 13.13
CA SER A 400 17.55 7.07 13.73
C SER A 400 18.31 5.78 13.48
N ASN A 401 17.59 4.68 13.31
CA ASN A 401 18.23 3.39 13.07
C ASN A 401 17.86 2.81 11.70
N PRO A 402 18.74 3.02 10.72
CA PRO A 402 18.53 2.53 9.38
C PRO A 402 18.25 1.04 9.33
N ALA A 403 18.63 0.35 10.40
CA ALA A 403 18.42 -1.09 10.48
C ALA A 403 16.95 -1.41 10.64
N ILE A 404 16.24 -0.52 11.32
CA ILE A 404 14.82 -0.66 11.54
C ILE A 404 14.03 -0.26 10.31
N ALA A 405 14.61 0.68 9.55
CA ALA A 405 14.00 1.21 8.36
C ALA A 405 14.17 0.31 7.14
N TYR A 406 15.41 -0.15 6.89
CA TYR A 406 15.68 -0.96 5.72
C TYR A 406 16.41 -2.27 6.02
N GLY A 407 16.74 -2.50 7.28
CA GLY A 407 17.46 -3.70 7.66
C GLY A 407 16.68 -4.99 7.40
N THR A 408 17.42 -6.11 7.36
CA THR A 408 16.82 -7.42 7.16
C THR A 408 16.24 -7.94 8.47
N THR A 409 15.56 -9.08 8.39
CA THR A 409 14.99 -9.69 9.57
C THR A 409 15.49 -11.10 9.75
N GLN A 410 15.96 -11.39 10.95
CA GLN A 410 16.50 -12.70 11.26
C GLN A 410 16.18 -13.13 12.67
N GLN A 411 15.68 -14.35 12.79
CA GLN A 411 15.31 -14.93 14.06
C GLN A 411 16.56 -15.39 14.83
N ARG A 412 16.63 -15.02 16.12
CA ARG A 412 17.79 -15.40 16.94
C ARG A 412 17.43 -16.31 18.12
N TRP A 413 16.14 -16.37 18.41
CA TRP A 413 15.63 -17.20 19.49
C TRP A 413 14.11 -17.30 19.32
N ILE A 414 13.58 -18.52 19.44
CA ILE A 414 12.16 -18.69 19.25
C ILE A 414 11.61 -19.99 19.80
N ASN A 415 10.49 -19.84 20.48
CA ASN A 415 9.74 -20.95 21.01
C ASN A 415 8.27 -20.70 20.70
N ASN A 416 7.36 -21.27 21.46
CA ASN A 416 5.95 -21.04 21.17
C ASN A 416 5.42 -19.66 21.56
N ASP A 417 6.04 -19.06 22.57
CA ASP A 417 5.60 -17.77 23.07
C ASP A 417 6.60 -16.65 22.86
N VAL A 418 7.85 -17.03 22.73
CA VAL A 418 8.93 -16.10 22.59
C VAL A 418 9.44 -15.94 21.17
N TYR A 419 9.75 -14.69 20.84
CA TYR A 419 10.28 -14.33 19.54
C TYR A 419 11.31 -13.24 19.69
N ILE A 420 12.54 -13.58 19.35
CA ILE A 420 13.64 -12.65 19.41
C ILE A 420 14.28 -12.54 18.04
N TYR A 421 13.92 -11.48 17.34
CA TYR A 421 14.42 -11.24 16.00
C TYR A 421 15.44 -10.11 15.99
N GLU A 422 16.18 -10.01 14.90
CA GLU A 422 17.20 -9.00 14.77
C GLU A 422 17.19 -8.30 13.42
N ARG A 423 17.09 -6.97 13.47
CA ARG A 423 17.10 -6.15 12.29
C ARG A 423 18.52 -5.70 11.99
N LYS A 424 19.01 -6.02 10.80
CA LYS A 424 20.37 -5.66 10.45
C LYS A 424 20.51 -4.99 9.10
N PHE A 425 21.20 -3.86 9.12
CA PHE A 425 21.48 -3.06 7.93
C PHE A 425 22.92 -2.61 8.01
N GLY A 426 23.83 -3.50 7.61
CA GLY A 426 25.24 -3.23 7.67
C GLY A 426 25.74 -3.49 9.09
N ASN A 427 26.25 -2.45 9.73
CA ASN A 427 26.74 -2.54 11.10
C ASN A 427 25.66 -2.17 12.10
N ASN A 428 24.65 -1.45 11.61
CA ASN A 428 23.53 -1.04 12.44
C ASN A 428 22.72 -2.25 12.84
N VAL A 429 22.27 -2.27 14.08
CA VAL A 429 21.53 -3.41 14.56
C VAL A 429 20.41 -3.06 15.51
N ALA A 430 19.43 -3.94 15.54
CA ALA A 430 18.27 -3.83 16.39
C ALA A 430 17.82 -5.22 16.81
N LEU A 431 17.70 -5.41 18.11
CA LEU A 431 17.31 -6.69 18.67
C LEU A 431 16.06 -6.50 19.51
N VAL A 432 15.05 -7.31 19.21
CA VAL A 432 13.79 -7.21 19.92
C VAL A 432 13.37 -8.55 20.51
N ALA A 433 13.05 -8.50 21.79
CA ALA A 433 12.61 -9.68 22.51
C ALA A 433 11.16 -9.54 22.94
N ILE A 434 10.32 -10.50 22.53
CA ILE A 434 8.92 -10.48 22.87
C ILE A 434 8.48 -11.81 23.46
N ASN A 435 7.68 -11.72 24.50
CA ASN A 435 7.14 -12.88 25.18
C ASN A 435 5.63 -12.72 25.29
N ARG A 436 4.91 -13.42 24.42
CA ARG A 436 3.46 -13.34 24.40
C ARG A 436 2.80 -13.83 25.66
N ASN A 437 3.44 -14.77 26.33
CA ASN A 437 2.92 -15.35 27.56
C ASN A 437 2.73 -14.32 28.66
N LEU A 438 1.48 -14.07 29.00
CA LEU A 438 1.16 -13.11 30.03
C LEU A 438 1.25 -13.71 31.42
N SER A 439 1.81 -14.91 31.52
CA SER A 439 1.91 -15.56 32.81
C SER A 439 3.12 -16.47 32.97
N THR A 440 3.94 -16.57 31.93
CA THR A 440 5.09 -17.45 31.99
C THR A 440 6.39 -16.78 31.57
N SER A 441 7.37 -16.82 32.46
CA SER A 441 8.67 -16.26 32.21
C SER A 441 9.55 -17.30 31.54
N TYR A 442 10.53 -16.84 30.76
CA TYR A 442 11.41 -17.76 30.08
C TYR A 442 12.86 -17.46 30.30
N ASN A 443 13.66 -18.51 30.44
CA ASN A 443 15.09 -18.38 30.64
C ASN A 443 15.79 -18.42 29.29
N ILE A 444 16.29 -17.26 28.86
CA ILE A 444 16.94 -17.19 27.56
C ILE A 444 18.43 -17.43 27.58
N THR A 445 18.81 -18.57 26.99
CA THR A 445 20.19 -18.96 26.87
C THR A 445 20.49 -19.39 25.44
N GLY A 446 21.75 -19.30 25.06
CA GLY A 446 22.16 -19.68 23.72
C GLY A 446 21.84 -18.62 22.67
N LEU A 447 21.56 -17.41 23.15
CA LEU A 447 21.25 -16.31 22.27
C LEU A 447 22.50 -15.64 21.72
N TYR A 448 22.47 -15.35 20.42
CA TYR A 448 23.57 -14.68 19.75
C TYR A 448 23.05 -13.47 19.00
N THR A 449 23.94 -12.51 18.74
CA THR A 449 23.53 -11.29 18.06
C THR A 449 24.69 -10.63 17.32
N ALA A 450 24.33 -9.65 16.51
CA ALA A 450 25.30 -8.88 15.73
C ALA A 450 25.71 -7.62 16.48
N LEU A 451 25.05 -7.39 17.61
CA LEU A 451 25.33 -6.25 18.46
C LEU A 451 26.75 -6.34 18.97
N PRO A 452 27.53 -5.29 18.74
CA PRO A 452 28.89 -5.27 19.21
C PRO A 452 28.98 -5.57 20.70
N ALA A 453 30.14 -6.04 21.14
CA ALA A 453 30.32 -6.35 22.55
C ALA A 453 30.02 -5.13 23.40
N GLY A 454 29.33 -5.35 24.50
CA GLY A 454 28.99 -4.26 25.39
C GLY A 454 27.69 -4.52 26.14
N THR A 455 27.24 -3.52 26.88
CA THR A 455 26.02 -3.60 27.64
C THR A 455 24.94 -2.71 27.04
N TYR A 456 23.82 -3.32 26.70
CA TYR A 456 22.72 -2.61 26.09
C TYR A 456 21.52 -2.45 27.00
N THR A 457 20.92 -1.26 26.95
CA THR A 457 19.75 -0.95 27.75
C THR A 457 18.49 -0.99 26.89
N ASP A 458 17.34 -1.07 27.56
CA ASP A 458 16.08 -1.11 26.85
C ASP A 458 15.68 0.25 26.32
N VAL A 459 15.40 0.31 25.03
CA VAL A 459 14.98 1.55 24.40
C VAL A 459 13.62 1.99 24.93
N LEU A 460 12.82 1.01 25.32
CA LEU A 460 11.50 1.26 25.85
C LEU A 460 11.54 1.76 27.29
N GLY A 461 12.74 1.78 27.84
CA GLY A 461 12.95 2.25 29.21
C GLY A 461 12.14 1.46 30.22
N GLY A 462 12.06 0.15 30.01
CA GLY A 462 11.34 -0.73 30.91
C GLY A 462 9.82 -0.56 30.82
N LEU A 463 9.37 0.25 29.86
CA LEU A 463 7.95 0.49 29.66
C LEU A 463 7.15 -0.80 29.64
N LEU A 464 7.68 -1.80 28.94
CA LEU A 464 7.05 -3.09 28.83
C LEU A 464 7.80 -4.17 29.61
N ASN A 465 8.27 -3.78 30.80
CA ASN A 465 8.99 -4.67 31.71
C ASN A 465 10.33 -5.15 31.15
N GLY A 466 10.86 -4.42 30.19
CA GLY A 466 12.13 -4.76 29.57
C GLY A 466 13.32 -4.32 30.41
N ASN A 467 14.49 -4.90 30.10
CA ASN A 467 15.70 -4.59 30.83
C ASN A 467 16.93 -4.59 29.91
N SER A 468 18.10 -4.46 30.52
CA SER A 468 19.35 -4.41 29.79
C SER A 468 20.02 -5.78 29.65
N ILE A 469 20.92 -5.88 28.68
CA ILE A 469 21.65 -7.11 28.42
C ILE A 469 23.12 -6.85 28.18
N SER A 470 23.90 -7.93 28.15
CA SER A 470 25.33 -7.85 27.93
C SER A 470 25.78 -8.78 26.83
N VAL A 471 26.38 -8.20 25.80
CA VAL A 471 26.87 -8.94 24.66
C VAL A 471 28.38 -9.16 24.72
N ALA A 472 28.78 -10.40 24.50
CA ALA A 472 30.19 -10.78 24.53
C ALA A 472 30.88 -10.52 23.20
N SER A 473 32.20 -10.63 23.23
CA SER A 473 33.02 -10.41 22.06
C SER A 473 32.60 -11.30 20.91
N ASP A 474 32.01 -12.45 21.24
CA ASP A 474 31.57 -13.41 20.24
C ASP A 474 30.09 -13.29 19.90
N GLY A 475 29.52 -12.12 20.19
CA GLY A 475 28.12 -11.87 19.91
C GLY A 475 27.17 -12.68 20.77
N SER A 476 27.71 -13.30 21.82
CA SER A 476 26.89 -14.09 22.71
C SER A 476 26.26 -13.22 23.78
N VAL A 477 25.01 -13.51 24.13
CA VAL A 477 24.31 -12.74 25.14
C VAL A 477 24.20 -13.48 26.46
N THR A 478 24.50 -12.77 27.55
CA THR A 478 24.42 -13.36 28.87
C THR A 478 22.99 -13.79 29.15
N PRO A 479 22.83 -15.04 29.60
CA PRO A 479 21.53 -15.59 29.90
C PRO A 479 20.71 -14.65 30.75
N PHE A 480 19.45 -14.50 30.38
CA PHE A 480 18.55 -13.61 31.09
C PHE A 480 17.13 -14.14 31.07
N THR A 481 16.32 -13.59 31.97
CA THR A 481 14.93 -13.98 32.07
C THR A 481 14.00 -13.04 31.33
N LEU A 482 13.18 -13.63 30.48
CA LEU A 482 12.20 -12.89 29.72
C LEU A 482 10.86 -12.99 30.42
N SER A 483 10.62 -12.07 31.34
CA SER A 483 9.39 -12.05 32.11
C SER A 483 8.16 -12.08 31.23
N ALA A 484 7.04 -12.45 31.83
CA ALA A 484 5.78 -12.53 31.13
C ALA A 484 5.37 -11.20 30.52
N GLY A 485 4.89 -11.27 29.27
CA GLY A 485 4.44 -10.10 28.53
C GLY A 485 5.54 -9.08 28.32
N GLU A 486 6.78 -9.49 28.53
CA GLU A 486 7.91 -8.60 28.36
C GLU A 486 8.26 -8.26 26.92
N VAL A 487 8.61 -6.99 26.72
CA VAL A 487 9.02 -6.48 25.42
C VAL A 487 10.25 -5.61 25.61
N ALA A 488 11.35 -6.03 24.99
CA ALA A 488 12.60 -5.29 25.10
C ALA A 488 13.16 -4.95 23.73
N VAL A 489 13.78 -3.78 23.65
CA VAL A 489 14.38 -3.32 22.41
C VAL A 489 15.78 -2.77 22.62
N TRP A 490 16.74 -3.46 22.03
CA TRP A 490 18.14 -3.06 22.10
C TRP A 490 18.64 -2.70 20.71
N GLN A 491 19.50 -1.69 20.61
CA GLN A 491 20.00 -1.28 19.31
C GLN A 491 21.42 -0.77 19.32
N TYR A 492 22.00 -0.74 18.12
CA TYR A 492 23.35 -0.25 17.90
C TYR A 492 23.46 0.47 16.57
N VAL A 493 23.59 1.79 16.64
CA VAL A 493 23.72 2.60 15.44
C VAL A 493 25.18 2.88 15.13
N SER A 494 25.66 2.30 14.04
CA SER A 494 27.03 2.48 13.63
C SER A 494 27.35 3.94 13.38
N SER A 495 28.60 4.31 13.64
CA SER A 495 29.05 5.68 13.44
C SER A 495 29.53 5.91 12.02
N SER A 496 29.97 4.82 11.38
CA SER A 496 30.45 4.89 10.02
C SER A 496 29.90 3.74 9.20
N ASN A 497 29.44 4.07 7.99
CA ASN A 497 28.86 3.09 7.11
C ASN A 497 29.52 3.12 5.75
N SER A 498 29.42 2.01 5.06
CA SER A 498 29.90 1.90 3.71
C SER A 498 28.70 2.12 2.81
N PRO A 499 28.93 2.26 1.50
CA PRO A 499 27.83 2.48 0.59
C PRO A 499 26.77 1.41 0.76
N LEU A 500 25.61 1.83 1.28
CA LEU A 500 24.51 0.92 1.54
C LEU A 500 23.19 1.46 1.05
N ILE A 501 22.64 0.80 0.04
CA ILE A 501 21.35 1.18 -0.50
C ILE A 501 20.24 0.55 0.31
N GLY A 502 19.40 1.38 0.89
CA GLY A 502 18.30 0.89 1.70
C GLY A 502 16.96 0.92 0.97
N HIS A 503 16.80 1.93 0.11
CA HIS A 503 15.57 2.09 -0.62
C HIS A 503 15.77 2.75 -1.97
N VAL A 504 14.83 2.48 -2.87
CA VAL A 504 14.82 3.03 -4.21
C VAL A 504 13.39 3.25 -4.67
N GLY A 505 13.11 4.46 -5.12
CA GLY A 505 11.79 4.82 -5.59
C GLY A 505 11.83 5.91 -6.63
N PRO A 506 10.93 5.81 -7.61
CA PRO A 506 9.97 4.72 -7.67
C PRO A 506 10.60 3.47 -8.27
N THR A 507 9.84 2.38 -8.28
CA THR A 507 10.34 1.13 -8.84
C THR A 507 9.93 0.92 -10.29
N MET A 508 9.10 1.84 -10.80
CA MET A 508 8.64 1.79 -12.17
C MET A 508 8.93 3.12 -12.85
N THR A 509 9.94 3.11 -13.72
CA THR A 509 10.36 4.32 -14.41
C THR A 509 10.52 4.16 -15.90
N LYS A 510 11.02 5.25 -16.49
CA LYS A 510 11.30 5.36 -17.91
C LYS A 510 12.57 6.17 -18.08
N ALA A 511 13.27 5.94 -19.18
CA ALA A 511 14.48 6.67 -19.44
C ALA A 511 14.21 8.17 -19.42
N GLY A 512 15.06 8.91 -18.72
CA GLY A 512 14.91 10.35 -18.62
C GLY A 512 14.32 10.78 -17.28
N GLN A 513 13.60 9.88 -16.65
CA GLN A 513 12.99 10.18 -15.36
C GLN A 513 14.02 10.22 -14.25
N THR A 514 13.56 10.55 -13.05
CA THR A 514 14.44 10.65 -11.90
C THR A 514 14.01 9.74 -10.76
N ILE A 515 14.97 8.98 -10.26
CA ILE A 515 14.74 8.07 -9.15
C ILE A 515 15.52 8.50 -7.91
N THR A 516 14.99 8.21 -6.74
CA THR A 516 15.65 8.58 -5.51
C THR A 516 16.21 7.38 -4.77
N ILE A 517 17.52 7.39 -4.56
CA ILE A 517 18.20 6.33 -3.85
C ILE A 517 18.51 6.72 -2.41
N ASP A 518 17.93 5.99 -1.47
CA ASP A 518 18.12 6.25 -0.06
C ASP A 518 18.93 5.15 0.62
N GLY A 519 19.88 5.56 1.45
CA GLY A 519 20.72 4.63 2.16
C GLY A 519 21.68 5.33 3.12
N ARG A 520 22.88 4.75 3.24
CA ARG A 520 23.89 5.28 4.12
C ARG A 520 25.30 5.13 3.56
N GLY A 521 26.14 6.13 3.85
CA GLY A 521 27.54 6.14 3.46
C GLY A 521 27.79 6.30 1.97
N PHE A 522 27.10 7.26 1.34
CA PHE A 522 27.30 7.50 -0.09
C PHE A 522 28.42 8.49 -0.33
N GLY A 523 28.71 9.29 0.69
CA GLY A 523 29.72 10.32 0.60
C GLY A 523 29.11 11.66 0.23
N THR A 524 29.89 12.72 0.40
CA THR A 524 29.43 14.06 0.09
C THR A 524 29.77 14.50 -1.33
N THR A 525 30.78 13.84 -1.90
CA THR A 525 31.20 14.12 -3.26
C THR A 525 30.60 13.10 -4.22
N SER A 526 30.02 13.61 -5.31
CA SER A 526 29.38 12.79 -6.31
C SER A 526 30.19 11.56 -6.70
N GLY A 527 29.47 10.46 -6.90
CA GLY A 527 30.09 9.19 -7.25
C GLY A 527 29.56 8.64 -8.56
N GLN A 528 28.82 7.53 -8.48
CA GLN A 528 28.30 6.91 -9.68
C GLN A 528 27.17 5.93 -9.42
N VAL A 529 26.06 6.13 -10.14
CA VAL A 529 24.92 5.25 -10.06
C VAL A 529 24.83 4.44 -11.35
N LEU A 530 24.68 3.13 -11.24
CA LEU A 530 24.64 2.30 -12.42
C LEU A 530 23.41 1.40 -12.50
N PHE A 531 22.72 1.51 -13.63
CA PHE A 531 21.58 0.68 -13.92
C PHE A 531 22.10 -0.51 -14.67
N GLY A 532 22.63 -1.46 -13.90
CA GLY A 532 23.25 -2.65 -14.43
C GLY A 532 24.74 -2.38 -14.62
N SER A 533 25.08 -1.82 -15.78
CA SER A 533 26.44 -1.44 -16.09
C SER A 533 26.47 -0.07 -16.73
N THR A 534 25.27 0.43 -17.03
CA THR A 534 25.08 1.73 -17.62
C THR A 534 24.89 2.78 -16.54
N ALA A 535 25.76 3.78 -16.54
CA ALA A 535 25.69 4.85 -15.56
C ALA A 535 24.61 5.88 -15.88
N GLY A 536 24.04 6.44 -14.83
CA GLY A 536 23.01 7.45 -14.98
C GLY A 536 23.54 8.84 -14.72
N THR A 537 22.67 9.83 -14.91
CA THR A 537 23.03 11.21 -14.69
C THR A 537 22.67 11.66 -13.28
N ILE A 538 23.68 12.09 -12.54
CA ILE A 538 23.46 12.53 -11.18
C ILE A 538 22.76 13.88 -11.14
N VAL A 539 21.63 13.90 -10.44
CA VAL A 539 20.84 15.10 -10.27
C VAL A 539 21.15 15.76 -8.93
N SER A 540 21.55 14.93 -7.97
CA SER A 540 21.89 15.39 -6.63
C SER A 540 22.59 14.28 -5.86
N TRP A 541 23.63 14.64 -5.11
CA TRP A 541 24.37 13.66 -4.35
C TRP A 541 24.64 14.07 -2.91
N ASP A 542 24.22 13.19 -2.00
CA ASP A 542 24.37 13.34 -0.57
C ASP A 542 24.80 12.03 0.05
N ASP A 543 25.16 12.08 1.33
CA ASP A 543 25.61 10.89 2.03
C ASP A 543 24.50 9.86 2.22
N THR A 544 23.27 10.34 2.37
CA THR A 544 22.12 9.48 2.59
C THR A 544 21.14 9.46 1.44
N GLU A 545 21.34 10.32 0.46
CA GLU A 545 20.42 10.38 -0.66
C GLU A 545 21.09 10.72 -1.97
N VAL A 546 20.61 10.08 -3.04
CA VAL A 546 21.13 10.28 -4.38
C VAL A 546 20.00 10.29 -5.39
N LYS A 547 19.89 11.40 -6.10
CA LYS A 547 18.90 11.55 -7.14
C LYS A 547 19.54 11.36 -8.50
N VAL A 548 19.03 10.42 -9.28
CA VAL A 548 19.62 10.14 -10.58
C VAL A 548 18.60 10.01 -11.70
N LYS A 549 19.02 10.43 -12.89
CA LYS A 549 18.20 10.35 -14.09
C LYS A 549 18.42 9.03 -14.81
N VAL A 550 17.31 8.35 -15.08
CA VAL A 550 17.36 7.05 -15.75
C VAL A 550 17.96 7.12 -17.15
N PRO A 551 18.92 6.23 -17.40
CA PRO A 551 19.61 6.16 -18.67
C PRO A 551 18.75 5.52 -19.75
N SER A 552 19.13 5.73 -21.00
CA SER A 552 18.41 5.17 -22.13
C SER A 552 18.78 3.73 -22.43
N VAL A 553 18.63 2.87 -21.43
CA VAL A 553 18.93 1.46 -21.57
C VAL A 553 17.75 0.70 -22.14
N THR A 554 18.00 -0.53 -22.56
CA THR A 554 16.95 -1.39 -23.08
C THR A 554 15.88 -1.56 -22.03
N PRO A 555 14.63 -1.24 -22.37
CA PRO A 555 13.55 -1.37 -21.41
C PRO A 555 13.48 -2.75 -20.81
N GLY A 556 13.40 -2.78 -19.48
CA GLY A 556 13.33 -4.03 -18.73
C GLY A 556 13.67 -3.82 -17.25
N LYS A 557 13.81 -4.93 -16.53
CA LYS A 557 14.16 -4.89 -15.12
C LYS A 557 15.65 -4.70 -14.93
N TYR A 558 16.01 -3.80 -14.03
CA TYR A 558 17.40 -3.50 -13.78
C TYR A 558 17.79 -3.58 -12.31
N ASN A 559 19.08 -3.79 -12.08
CA ASN A 559 19.65 -3.85 -10.75
C ASN A 559 20.48 -2.60 -10.46
N ILE A 560 20.12 -1.89 -9.41
CA ILE A 560 20.82 -0.67 -9.05
C ILE A 560 22.00 -0.89 -8.12
N SER A 561 23.08 -0.17 -8.42
CA SER A 561 24.30 -0.22 -7.63
C SER A 561 24.92 1.17 -7.57
N LEU A 562 25.58 1.45 -6.45
CA LEU A 562 26.20 2.74 -6.23
C LEU A 562 27.71 2.63 -6.10
N LYS A 563 28.39 3.72 -6.42
CA LYS A 563 29.82 3.73 -6.33
C LYS A 563 30.36 5.08 -5.87
N THR A 564 30.74 5.13 -4.61
CA THR A 564 31.28 6.33 -4.01
C THR A 564 32.44 6.87 -4.82
N SER A 565 32.74 8.15 -4.63
CA SER A 565 33.84 8.77 -5.35
C SER A 565 35.16 8.10 -5.00
N SER A 566 35.18 7.42 -3.85
CA SER A 566 36.36 6.73 -3.38
C SER A 566 36.53 5.34 -4.01
N GLY A 567 35.56 4.94 -4.83
CA GLY A 567 35.60 3.65 -5.51
C GLY A 567 34.84 2.54 -4.81
N ALA A 568 34.37 2.80 -3.59
CA ALA A 568 33.64 1.79 -2.85
C ALA A 568 32.31 1.47 -3.53
N THR A 569 32.09 0.18 -3.79
CA THR A 569 30.86 -0.26 -4.42
C THR A 569 29.84 -0.74 -3.40
N SER A 570 28.62 -0.22 -3.54
CA SER A 570 27.53 -0.56 -2.65
C SER A 570 26.89 -1.88 -2.98
N ASN A 571 25.79 -2.16 -2.28
CA ASN A 571 25.01 -3.34 -2.51
C ASN A 571 24.03 -3.06 -3.62
N THR A 572 23.49 -4.09 -4.25
CA THR A 572 22.55 -3.87 -5.33
C THR A 572 21.09 -3.93 -4.91
N TYR A 573 20.31 -3.03 -5.49
CA TYR A 573 18.88 -2.96 -5.28
C TYR A 573 18.24 -3.43 -6.58
N ASN A 574 17.67 -4.63 -6.55
CA ASN A 574 17.15 -5.24 -7.76
C ASN A 574 15.67 -5.06 -8.06
N ASN A 575 15.39 -5.31 -9.35
CA ASN A 575 14.08 -5.33 -9.97
C ASN A 575 13.44 -3.96 -10.15
N ILE A 576 14.22 -3.00 -10.63
CA ILE A 576 13.68 -1.69 -10.98
C ILE A 576 13.14 -1.83 -12.40
N ASN A 577 11.85 -1.57 -12.57
CA ASN A 577 11.24 -1.72 -13.87
C ASN A 577 11.33 -0.50 -14.77
N ILE A 578 12.11 -0.64 -15.83
CA ILE A 578 12.29 0.41 -16.82
C ILE A 578 11.40 0.11 -18.04
N LEU A 579 10.34 0.90 -18.19
CA LEU A 579 9.39 0.72 -19.27
C LEU A 579 9.93 1.16 -20.62
N THR A 580 9.13 0.89 -21.65
CA THR A 580 9.45 1.25 -23.02
C THR A 580 9.09 2.69 -23.30
N GLY A 581 8.00 3.14 -22.67
CA GLY A 581 7.51 4.50 -22.82
C GLY A 581 6.20 4.69 -22.08
N ASN A 582 5.52 5.81 -22.33
CA ASN A 582 4.25 6.09 -21.70
C ASN A 582 3.30 4.92 -21.88
N GLN A 583 2.69 4.48 -20.78
CA GLN A 583 1.78 3.36 -20.81
C GLN A 583 0.38 3.70 -21.30
N ILE A 584 -0.23 2.71 -21.94
CA ILE A 584 -1.57 2.80 -22.48
C ILE A 584 -2.28 1.48 -22.25
N CYS A 585 -3.57 1.54 -21.94
CA CYS A 585 -4.31 0.32 -21.70
C CYS A 585 -5.02 -0.20 -22.94
N VAL A 586 -4.51 -1.32 -23.45
CA VAL A 586 -5.06 -1.97 -24.61
C VAL A 586 -5.65 -3.32 -24.27
N ARG A 587 -6.87 -3.56 -24.73
CA ARG A 587 -7.54 -4.83 -24.49
C ARG A 587 -7.30 -5.81 -25.63
N PHE A 588 -6.65 -6.93 -25.29
CA PHE A 588 -6.36 -7.97 -26.25
C PHE A 588 -7.46 -9.01 -26.31
N VAL A 589 -7.90 -9.31 -27.52
CA VAL A 589 -8.96 -10.27 -27.74
C VAL A 589 -8.59 -11.28 -28.82
N VAL A 590 -8.75 -12.56 -28.50
CA VAL A 590 -8.44 -13.63 -29.43
C VAL A 590 -9.60 -14.61 -29.51
N ASN A 591 -10.11 -14.79 -30.72
CA ASN A 591 -11.21 -15.68 -30.94
C ASN A 591 -10.77 -17.08 -31.38
N ASN A 592 -11.62 -18.05 -31.07
CA ASN A 592 -11.39 -19.43 -31.44
C ASN A 592 -10.14 -20.06 -30.83
N ALA A 593 -9.85 -19.68 -29.60
CA ALA A 593 -8.71 -20.23 -28.88
C ALA A 593 -9.15 -21.32 -27.91
N SER A 594 -9.65 -22.42 -28.46
CA SER A 594 -10.12 -23.53 -27.66
C SER A 594 -8.99 -24.37 -27.11
N THR A 595 -9.12 -24.75 -25.85
CA THR A 595 -8.11 -25.53 -25.19
C THR A 595 -8.67 -26.78 -24.54
N VAL A 596 -7.77 -27.63 -24.10
CA VAL A 596 -8.13 -28.85 -23.41
C VAL A 596 -8.34 -28.54 -21.93
N TYR A 597 -8.45 -29.58 -21.12
CA TYR A 597 -8.65 -29.39 -19.70
C TYR A 597 -7.35 -28.99 -18.99
N GLY A 598 -7.41 -27.84 -18.29
CA GLY A 598 -6.27 -27.33 -17.54
C GLY A 598 -5.31 -26.49 -18.37
N GLU A 599 -5.69 -26.27 -19.63
CA GLU A 599 -4.90 -25.49 -20.56
C GLU A 599 -5.40 -24.06 -20.69
N ASN A 600 -4.51 -23.09 -20.54
CA ASN A 600 -4.87 -21.69 -20.66
C ASN A 600 -4.19 -20.99 -21.82
N VAL A 601 -4.70 -19.81 -22.14
CA VAL A 601 -4.16 -18.98 -23.20
C VAL A 601 -3.40 -17.79 -22.62
N TYR A 602 -2.23 -17.51 -23.19
CA TYR A 602 -1.39 -16.40 -22.75
C TYR A 602 -0.98 -15.52 -23.93
N LEU A 603 -0.54 -14.33 -23.59
CA LEU A 603 -0.11 -13.37 -24.57
C LEU A 603 1.38 -13.05 -24.44
N THR A 604 2.11 -13.15 -25.55
CA THR A 604 3.53 -12.88 -25.57
C THR A 604 3.85 -11.90 -26.69
N GLY A 605 4.91 -11.09 -26.54
CA GLY A 605 5.18 -10.13 -27.59
C GLY A 605 6.56 -9.48 -27.63
N ASN A 606 6.68 -8.62 -28.62
CA ASN A 606 7.82 -7.81 -29.05
C ASN A 606 8.49 -6.98 -27.96
N VAL A 607 7.68 -6.42 -27.06
CA VAL A 607 8.18 -5.53 -26.03
C VAL A 607 8.32 -6.13 -24.65
N ALA A 608 9.00 -5.39 -23.78
CA ALA A 608 9.20 -5.78 -22.40
C ALA A 608 7.86 -5.93 -21.70
N GLU A 609 6.97 -4.97 -21.99
CA GLU A 609 5.65 -4.97 -21.41
C GLU A 609 4.91 -6.26 -21.73
N LEU A 610 5.33 -6.91 -22.82
CA LEU A 610 4.74 -8.16 -23.27
C LEU A 610 5.55 -9.40 -22.91
N GLY A 611 6.65 -9.20 -22.18
CA GLY A 611 7.49 -10.30 -21.75
C GLY A 611 8.69 -10.56 -22.67
N ASN A 612 8.72 -9.89 -23.82
CA ASN A 612 9.82 -10.07 -24.75
C ASN A 612 9.98 -11.49 -25.22
N TRP A 613 8.88 -12.10 -25.63
CA TRP A 613 8.87 -13.46 -26.15
C TRP A 613 9.18 -14.53 -25.09
N ASP A 614 9.20 -14.14 -23.82
CA ASP A 614 9.46 -15.08 -22.74
C ASP A 614 8.18 -15.73 -22.26
N THR A 615 7.94 -16.94 -22.75
CA THR A 615 6.74 -17.69 -22.40
C THR A 615 6.53 -17.85 -20.90
N SER A 616 7.62 -17.87 -20.14
CA SER A 616 7.54 -18.02 -18.70
C SER A 616 6.99 -16.76 -18.05
N LYS A 617 7.12 -15.65 -18.77
CA LYS A 617 6.65 -14.36 -18.31
C LYS A 617 5.54 -13.82 -19.19
N ALA A 618 4.74 -14.75 -19.71
CA ALA A 618 3.62 -14.40 -20.58
C ALA A 618 2.46 -13.82 -19.79
N ILE A 619 1.71 -12.93 -20.45
CA ILE A 619 0.56 -12.31 -19.84
C ILE A 619 -0.64 -13.26 -19.79
N GLY A 620 -1.08 -13.57 -18.59
CA GLY A 620 -2.21 -14.48 -18.40
C GLY A 620 -2.12 -15.23 -17.09
N PRO A 621 -2.92 -16.29 -16.93
CA PRO A 621 -3.85 -16.74 -17.95
C PRO A 621 -4.93 -15.71 -18.25
N MET A 622 -5.23 -15.56 -19.54
CA MET A 622 -6.22 -14.62 -20.00
C MET A 622 -7.61 -14.98 -19.48
N PHE A 623 -8.49 -13.97 -19.48
CA PHE A 623 -9.87 -14.14 -19.04
C PHE A 623 -10.75 -14.71 -20.14
N ASN A 624 -11.85 -15.34 -19.74
CA ASN A 624 -12.76 -15.94 -20.71
C ASN A 624 -14.18 -16.15 -20.18
N GLN A 625 -14.71 -15.17 -19.44
CA GLN A 625 -16.04 -15.35 -18.87
C GLN A 625 -16.97 -14.13 -18.94
N VAL A 626 -16.65 -13.10 -18.14
CA VAL A 626 -17.45 -11.88 -18.06
C VAL A 626 -17.71 -11.18 -19.37
N VAL A 627 -16.74 -10.37 -19.80
CA VAL A 627 -16.84 -9.60 -21.02
C VAL A 627 -16.96 -10.45 -22.26
N TYR A 628 -16.06 -11.41 -22.40
CA TYR A 628 -16.04 -12.32 -23.53
C TYR A 628 -16.10 -13.75 -23.05
N GLN A 629 -16.80 -14.59 -23.80
CA GLN A 629 -16.93 -15.98 -23.43
C GLN A 629 -16.10 -16.94 -24.27
N TYR A 630 -15.56 -17.95 -23.60
CA TYR A 630 -14.78 -18.99 -24.23
C TYR A 630 -15.55 -19.52 -25.45
N PRO A 631 -14.85 -19.93 -26.51
CA PRO A 631 -13.40 -20.00 -26.58
C PRO A 631 -12.71 -18.67 -26.86
N THR A 632 -13.39 -17.54 -26.69
CA THR A 632 -12.72 -16.28 -26.92
C THR A 632 -12.13 -15.73 -25.63
N TRP A 633 -10.84 -15.46 -25.66
CA TRP A 633 -10.13 -14.94 -24.51
C TRP A 633 -9.82 -13.46 -24.67
N TYR A 634 -9.65 -12.79 -23.53
CA TYR A 634 -9.32 -11.38 -23.52
C TYR A 634 -8.49 -11.02 -22.29
N TYR A 635 -7.94 -9.82 -22.31
CA TYR A 635 -7.12 -9.36 -21.22
C TYR A 635 -6.73 -7.90 -21.37
N ASP A 636 -6.69 -7.20 -20.24
CA ASP A 636 -6.29 -5.80 -20.24
C ASP A 636 -4.81 -5.67 -19.93
N VAL A 637 -4.06 -5.17 -20.91
CA VAL A 637 -2.62 -5.04 -20.80
C VAL A 637 -2.11 -3.63 -21.00
N SER A 638 -1.06 -3.30 -20.24
CA SER A 638 -0.42 -2.01 -20.33
C SER A 638 0.75 -2.08 -21.32
N VAL A 639 0.70 -1.23 -22.34
CA VAL A 639 1.72 -1.20 -23.37
C VAL A 639 2.19 0.20 -23.68
N PRO A 640 3.34 0.30 -24.32
CA PRO A 640 3.93 1.58 -24.68
C PRO A 640 3.14 2.27 -25.78
N ALA A 641 2.63 3.44 -25.45
CA ALA A 641 1.83 4.22 -26.38
C ALA A 641 2.58 4.53 -27.67
N GLY A 642 1.84 4.56 -28.78
CA GLY A 642 2.37 4.87 -30.10
C GLY A 642 3.39 3.87 -30.62
N THR A 643 3.47 2.70 -30.00
CA THR A 643 4.41 1.68 -30.43
C THR A 643 3.76 0.59 -31.26
N THR A 644 4.51 0.10 -32.24
CA THR A 644 4.04 -0.98 -33.09
C THR A 644 4.56 -2.30 -32.54
N ILE A 645 3.66 -3.09 -32.00
CA ILE A 645 4.03 -4.36 -31.40
C ILE A 645 3.69 -5.58 -32.24
N GLN A 646 4.57 -6.56 -32.12
CA GLN A 646 4.42 -7.85 -32.74
C GLN A 646 4.10 -8.82 -31.63
N PHE A 647 2.95 -9.46 -31.70
CA PHE A 647 2.58 -10.39 -30.66
C PHE A 647 2.04 -11.69 -31.18
N LYS A 648 1.90 -12.62 -30.26
CA LYS A 648 1.39 -13.93 -30.57
C LYS A 648 0.88 -14.58 -29.31
N PHE A 649 -0.18 -15.36 -29.45
CA PHE A 649 -0.77 -16.06 -28.33
C PHE A 649 -0.26 -17.48 -28.24
N ILE A 650 -0.25 -18.02 -27.03
CA ILE A 650 0.21 -19.38 -26.81
C ILE A 650 -0.65 -20.07 -25.76
N LYS A 651 -0.68 -21.39 -25.84
CA LYS A 651 -1.42 -22.19 -24.89
C LYS A 651 -0.45 -22.89 -23.95
N LYS A 652 -0.70 -22.75 -22.65
CA LYS A 652 0.14 -23.38 -21.65
C LYS A 652 -0.67 -24.17 -20.65
N ASN A 653 -0.17 -25.36 -20.31
CA ASN A 653 -0.84 -26.21 -19.36
C ASN A 653 -0.01 -26.45 -18.11
N GLY A 654 1.21 -26.94 -18.33
CA GLY A 654 2.16 -27.23 -17.28
C GLY A 654 3.42 -27.83 -17.85
N ASN A 655 3.22 -28.71 -18.82
CA ASN A 655 4.30 -29.38 -19.51
C ASN A 655 4.02 -29.43 -21.00
N THR A 656 3.86 -28.25 -21.58
CA THR A 656 3.57 -28.11 -22.99
C THR A 656 3.34 -26.64 -23.34
N ILE A 657 3.84 -26.22 -24.50
CA ILE A 657 3.69 -24.85 -24.95
C ILE A 657 3.31 -24.82 -26.42
N THR A 658 2.03 -24.54 -26.68
CA THR A 658 1.55 -24.49 -28.05
C THR A 658 1.46 -23.08 -28.57
N TRP A 659 2.30 -22.78 -29.55
CA TRP A 659 2.30 -21.48 -30.17
C TRP A 659 1.25 -21.36 -31.25
N GLU A 660 0.91 -20.12 -31.54
CA GLU A 660 -0.02 -19.80 -32.59
C GLU A 660 0.71 -19.95 -33.92
N GLY A 661 -0.01 -20.33 -34.96
CA GLY A 661 0.59 -20.50 -36.26
C GLY A 661 0.77 -19.17 -36.98
N GLY A 662 1.01 -19.26 -38.29
CA GLY A 662 1.18 -18.08 -39.14
C GLY A 662 2.18 -17.07 -38.58
N SER A 663 2.16 -15.89 -39.18
CA SER A 663 3.05 -14.81 -38.76
C SER A 663 2.49 -14.03 -37.58
N ASN A 664 3.38 -13.34 -36.88
CA ASN A 664 3.03 -12.54 -35.72
C ASN A 664 1.96 -11.51 -36.05
N HIS A 665 1.13 -11.22 -35.05
CA HIS A 665 0.13 -10.20 -35.20
C HIS A 665 0.81 -8.86 -35.03
N THR A 666 0.31 -7.85 -35.74
CA THR A 666 0.89 -6.53 -35.65
C THR A 666 -0.15 -5.53 -35.23
N TYR A 667 0.27 -4.55 -34.45
CA TYR A 667 -0.64 -3.55 -33.95
C TYR A 667 0.12 -2.34 -33.45
N THR A 668 -0.47 -1.18 -33.67
CA THR A 668 0.13 0.06 -33.23
C THR A 668 -0.66 0.63 -32.07
N VAL A 669 -0.06 0.60 -30.88
CA VAL A 669 -0.69 1.10 -29.69
C VAL A 669 -1.04 2.57 -29.82
N PRO A 670 -2.28 2.92 -29.48
CA PRO A 670 -2.72 4.30 -29.54
C PRO A 670 -1.83 5.21 -28.73
N SER A 671 -1.99 6.51 -28.94
CA SER A 671 -1.18 7.50 -28.25
C SER A 671 -1.91 8.14 -27.07
N SER A 672 -3.23 8.21 -27.18
CA SER A 672 -4.04 8.81 -26.15
C SER A 672 -5.01 7.85 -25.47
N SER A 673 -6.18 7.70 -26.07
CA SER A 673 -7.22 6.84 -25.54
C SER A 673 -6.80 5.39 -25.41
N THR A 674 -7.68 4.61 -24.77
CA THR A 674 -7.48 3.19 -24.60
C THR A 674 -7.72 2.50 -25.93
N GLY A 675 -7.29 1.24 -26.06
CA GLY A 675 -7.47 0.53 -27.31
C GLY A 675 -7.95 -0.90 -27.14
N THR A 676 -8.25 -1.54 -28.27
CA THR A 676 -8.74 -2.92 -28.31
C THR A 676 -8.32 -3.61 -29.59
N VAL A 677 -7.79 -4.82 -29.46
CA VAL A 677 -7.38 -5.58 -30.62
C VAL A 677 -8.09 -6.93 -30.64
N ILE A 678 -8.67 -7.26 -31.77
CA ILE A 678 -9.38 -8.52 -31.93
C ILE A 678 -8.79 -9.34 -33.06
N VAL A 679 -8.38 -10.55 -32.72
CA VAL A 679 -7.79 -11.45 -33.69
C VAL A 679 -8.35 -12.83 -33.56
N ASN A 680 -7.98 -13.68 -34.51
CA ASN A 680 -8.41 -15.05 -34.51
C ASN A 680 -7.21 -15.98 -34.39
N TRP A 681 -7.34 -16.99 -33.54
CA TRP A 681 -6.27 -17.93 -33.33
C TRP A 681 -5.77 -18.54 -34.63
N GLN A 682 -4.47 -18.32 -34.90
CA GLN A 682 -3.82 -18.86 -36.07
C GLN A 682 -3.34 -20.28 -35.80
N GLN A 683 -3.70 -21.21 -36.68
CA GLN A 683 -3.29 -22.60 -36.51
C GLN A 683 -1.95 -22.89 -37.15
C1 GLC B . 15.36 -22.85 22.00
C2 GLC B . 14.80 -22.13 20.80
C3 GLC B . 15.83 -21.70 19.79
C4 GLC B . 17.16 -21.28 20.36
C5 GLC B . 17.59 -22.19 21.49
C6 GLC B . 18.82 -21.69 22.18
O1 GLC B . 15.60 -24.20 21.62
O2 GLC B . 13.86 -23.00 20.17
O3 GLC B . 15.33 -20.57 19.05
O4 GLC B . 18.15 -21.40 19.32
O5 GLC B . 16.56 -22.26 22.48
O6 GLC B . 19.76 -22.75 22.40
C1 GLC B . 18.85 -20.26 18.88
C2 GLC B . 18.59 -20.09 17.40
C3 GLC B . 19.31 -21.12 16.57
C4 GLC B . 20.78 -21.22 16.92
C5 GLC B . 20.98 -21.35 18.42
C6 GLC B . 22.42 -21.18 18.79
O2 GLC B . 17.20 -20.19 17.17
O3 GLC B . 19.21 -20.80 15.18
O4 GLC B . 21.31 -22.40 16.27
O5 GLC B . 20.25 -20.35 19.15
O6 GLC B . 22.58 -21.15 20.21
C1 GLC B . 22.43 -22.30 15.43
C2 GLC B . 22.08 -22.75 14.02
C3 GLC B . 21.88 -24.24 13.95
C4 GLC B . 23.07 -24.98 14.50
C5 GLC B . 23.49 -24.46 15.87
C6 GLC B . 24.84 -24.98 16.24
O2 GLC B . 20.92 -22.06 13.56
O3 GLC B . 21.70 -24.67 12.60
O4 GLC B . 22.79 -26.36 14.70
O5 GLC B . 23.55 -23.03 15.93
O6 GLC B . 25.54 -24.05 17.08
C1 GLC C . -11.97 -14.56 5.95
C2 GLC C . -11.61 -15.18 4.62
C3 GLC C . -11.60 -14.10 3.57
C4 GLC C . -12.93 -13.36 3.54
C5 GLC C . -13.48 -13.00 4.91
C6 GLC C . -14.94 -12.71 4.84
O1 GLC C . -11.06 -13.50 6.17
O2 GLC C . -10.32 -15.79 4.71
O3 GLC C . -11.40 -14.65 2.27
O4 GLC C . -12.72 -12.13 2.84
O5 GLC C . -13.30 -14.06 5.86
O6 GLC C . -15.51 -12.61 6.14
C1 GLC C . -13.68 -11.75 1.88
C2 GLC C . -12.97 -11.50 0.56
C3 GLC C . -12.43 -10.09 0.46
C4 GLC C . -13.53 -9.12 0.86
C5 GLC C . -13.96 -9.37 2.29
C6 GLC C . -15.05 -8.42 2.68
O2 GLC C . -11.92 -12.42 0.41
O3 GLC C . -12.05 -9.77 -0.88
O4 GLC C . -13.02 -7.79 0.72
O5 GLC C . -14.51 -10.69 2.37
O6 GLC C . -15.17 -8.37 4.12
C1 G6D C . -13.82 -6.93 -0.06
O2 G6D C . -11.97 -7.16 -1.56
C2 G6D C . -12.91 -6.22 -1.05
C3 G6D C . -12.21 -5.06 -0.44
O3 G6D C . -11.60 -4.22 -1.42
C4 G6D C . -13.21 -4.20 0.31
C5 G6D C . -13.82 -5.04 1.41
O5 G6D C . -14.57 -6.07 0.78
C6 G6D C . -14.79 -4.24 2.24
C1 GLC D . -17.51 0.78 1.83
C2 GLC D . -18.05 0.98 3.24
C3 GLC D . -18.84 -0.23 3.67
C4 GLC D . -19.92 -0.57 2.67
C5 GLC D . -19.36 -0.66 1.27
C6 GLC D . -20.48 -0.74 0.26
O1 GLC D . -16.51 -0.22 1.85
O2 GLC D . -16.98 1.23 4.14
O3 GLC D . -19.47 0.04 4.92
O4 GLC D . -20.48 -1.86 3.02
O5 GLC D . -18.58 0.49 0.94
O6 GLC D . -21.17 0.51 0.17
C1 GLC D . -21.86 -1.96 3.31
C2 GLC D . -22.01 -2.53 4.70
C3 GLC D . -21.31 -3.87 4.74
C4 GLC D . -21.92 -4.82 3.73
C5 GLC D . -22.28 -4.21 2.38
C6 GLC D . -23.50 -4.86 1.83
O2 GLC D . -21.43 -1.65 5.65
O3 GLC D . -21.45 -4.47 6.02
O4 GLC D . -21.00 -5.87 3.42
O5 GLC D . -22.55 -2.79 2.38
O6 GLC D . -23.48 -6.28 2.04
C1 ADH E . -12.47 -0.81 0.75
C2 ADH E . -12.77 0.05 1.96
C3 ADH E . -14.14 -0.24 2.46
C4 ADH E . -15.16 0.10 1.41
C5 ADH E . -14.88 -0.46 0.16
C6 ADH E . -15.31 0.44 -0.97
C7 ADH E . -13.56 -0.89 -0.17
N1 ADH E . -12.53 -3.10 0.98
O2 ADH E . -11.83 -0.28 2.97
O3 ADH E . -14.43 0.54 3.62
O6 ADH E . -14.37 1.46 -1.27
CA CA F . -14.29 -3.41 -10.90
CA CA G . -17.86 19.51 10.93
#